data_3LY0
#
_entry.id   3LY0
#
_cell.length_a   46.649
_cell.length_b   50.325
_cell.length_c   81.436
_cell.angle_alpha   83.65
_cell.angle_beta   73.64
_cell.angle_gamma   67.65
#
_symmetry.space_group_name_H-M   'P 1'
#
loop_
_entity.id
_entity.type
_entity.pdbx_description
1 polymer 'Dipeptidase AC. Metallo peptidase. MEROPS family M19'
2 non-polymer '(2R)-3-[(R)-[(1R)-1-aminoethyl](hydroxy)phosphoryl]-2-methylpropanoic acid'
3 non-polymer 'ZINC ION'
4 water water
#
_entity_poly.entity_id   1
_entity_poly.type   'polypeptide(L)'
_entity_poly.pdbx_seq_one_letter_code
;MSLSDTIPVFDGHNDFLLRLLRNPANRETIWLKGDGTGHLDLPRMKEGGFAGGFFAIYVPSPQAHDAAHFEAMMDAPPFE
LPLPPMIRAEQAQPVALAMAGHLLWMERAARGRFKVCRTAAEVRSCHADGIVSGIMHMEGAEAIGADLDALHLFHSLGLR
SLGPVWSRPTVFGHGVPFRFPGSPDTGEGLTEAGRRLVAECNRLKIMLDLSHLNEKGFDDVARLSDAPLVATHSNAHAVT
PSTRNLTDRQLAMIRESRGMVGLNFATSFLREDGRRSAEMGWEPVLRHLDHLIDRLGEDHVGMGSDFDGATIPQGIADVT
GLPALQAAMRAHGYDEPLMRKLCHENWYGLLERTWGEGHHHHHH
;
_entity_poly.pdbx_strand_id   A,B
#
loop_
_chem_comp.id
_chem_comp.type
_chem_comp.name
_chem_comp.formula
LY0 non-polymer '(2R)-3-[(R)-[(1R)-1-aminoethyl](hydroxy)phosphoryl]-2-methylpropanoic acid' 'C6 H14 N O4 P'
ZN non-polymer 'ZINC ION' 'Zn 2'
#
# COMPACT_ATOMS: atom_id res chain seq x y z
N ASP A 5 -18.67 -8.88 -35.25
CA ASP A 5 -17.30 -9.29 -35.49
C ASP A 5 -16.28 -8.36 -34.84
N THR A 6 -16.65 -7.77 -33.70
CA THR A 6 -15.72 -6.95 -32.94
C THR A 6 -14.73 -7.83 -32.20
N ILE A 7 -13.44 -7.59 -32.42
CA ILE A 7 -12.42 -8.33 -31.70
C ILE A 7 -12.18 -7.66 -30.36
N PRO A 8 -12.12 -8.44 -29.26
CA PRO A 8 -11.89 -7.78 -27.97
C PRO A 8 -10.55 -7.05 -27.98
N VAL A 9 -10.52 -5.89 -27.33
CA VAL A 9 -9.31 -5.08 -27.29
C VAL A 9 -8.76 -5.04 -25.89
N PHE A 10 -7.48 -5.41 -25.74
CA PHE A 10 -6.78 -5.15 -24.50
C PHE A 10 -5.92 -3.91 -24.74
N ASP A 11 -6.05 -2.96 -23.81
CA ASP A 11 -5.50 -1.62 -24.06
C ASP A 11 -4.33 -1.25 -23.16
N GLY A 12 -3.43 -0.44 -23.73
CA GLY A 12 -2.18 -0.11 -23.07
C GLY A 12 -2.21 0.99 -22.01
N HIS A 13 -3.23 1.84 -21.99
CA HIS A 13 -3.24 2.97 -21.08
C HIS A 13 -4.55 3.71 -21.01
N ASN A 14 -5.15 3.79 -19.82
CA ASN A 14 -6.29 4.71 -19.64
C ASN A 14 -6.20 5.42 -18.31
N ASP A 15 -6.87 6.58 -18.24
CA ASP A 15 -6.90 7.39 -17.03
C ASP A 15 -8.28 7.46 -16.40
N PHE A 16 -9.05 6.39 -16.52
CA PHE A 16 -10.35 6.35 -15.87
C PHE A 16 -10.26 6.65 -14.37
N LEU A 17 -9.20 6.20 -13.71
CA LEU A 17 -9.09 6.43 -12.27
C LEU A 17 -9.07 7.92 -11.92
N LEU A 18 -8.61 8.76 -12.85
CA LEU A 18 -8.60 10.18 -12.58
C LEU A 18 -10.02 10.70 -12.40
N ARG A 19 -10.97 10.09 -13.09
CA ARG A 19 -12.36 10.52 -12.96
C ARG A 19 -12.93 10.15 -11.61
N LEU A 20 -12.48 9.03 -11.05
CA LEU A 20 -12.91 8.66 -9.71
C LEU A 20 -12.23 9.54 -8.66
N LEU A 21 -10.96 9.89 -8.90
CA LEU A 21 -10.24 10.81 -8.02
C LEU A 21 -10.98 12.14 -7.94
N ARG A 22 -11.50 12.59 -9.08
CA ARG A 22 -12.10 13.92 -9.17
C ARG A 22 -13.54 13.99 -8.63
N ASN A 23 -14.21 12.85 -8.54
CA ASN A 23 -15.57 12.82 -8.02
C ASN A 23 -15.85 11.50 -7.28
N PRO A 24 -15.13 11.28 -6.17
CA PRO A 24 -15.26 10.00 -5.49
C PRO A 24 -16.66 9.73 -4.96
N ALA A 25 -17.39 10.79 -4.60
CA ALA A 25 -18.73 10.65 -4.05
C ALA A 25 -19.68 10.01 -5.07
N ASN A 26 -19.42 10.22 -6.35
CA ASN A 26 -20.30 9.67 -7.38
C ASN A 26 -19.74 8.43 -8.07
N ARG A 27 -18.76 7.77 -7.44
CA ARG A 27 -18.07 6.68 -8.11
C ARG A 27 -18.95 5.49 -8.50
N GLU A 28 -19.93 5.13 -7.66
CA GLU A 28 -20.82 4.02 -8.00
C GLU A 28 -21.49 4.23 -9.36
N THR A 29 -22.03 5.42 -9.57
CA THR A 29 -22.68 5.74 -10.83
C THR A 29 -21.66 5.83 -11.97
N ILE A 30 -20.58 6.56 -11.75
CA ILE A 30 -19.59 6.76 -12.80
C ILE A 30 -19.09 5.43 -13.37
N TRP A 31 -18.76 4.50 -12.48
CA TRP A 31 -18.21 3.21 -12.89
C TRP A 31 -19.28 2.24 -13.37
N LEU A 32 -20.32 2.04 -12.57
CA LEU A 32 -21.28 0.98 -12.88
C LEU A 32 -22.34 1.38 -13.91
N LYS A 33 -22.61 2.68 -14.03
CA LYS A 33 -23.65 3.15 -14.95
C LYS A 33 -23.11 4.07 -16.05
N GLY A 34 -22.03 4.78 -15.75
CA GLY A 34 -21.60 5.89 -16.59
C GLY A 34 -22.31 7.14 -16.09
N ASP A 35 -21.71 8.29 -16.31
CA ASP A 35 -22.35 9.56 -15.93
C ASP A 35 -22.58 10.47 -17.12
N GLY A 36 -22.48 9.91 -18.32
CA GLY A 36 -22.71 10.67 -19.54
C GLY A 36 -21.52 11.46 -20.02
N THR A 37 -20.37 11.30 -19.34
CA THR A 37 -19.17 12.01 -19.72
C THR A 37 -18.00 11.08 -19.99
N GLY A 38 -16.94 11.63 -20.56
CA GLY A 38 -15.69 10.90 -20.69
C GLY A 38 -15.77 9.74 -21.66
N HIS A 39 -14.78 8.84 -21.55
CA HIS A 39 -14.57 7.81 -22.55
C HIS A 39 -14.95 6.42 -22.09
N LEU A 40 -14.79 6.17 -20.79
CA LEU A 40 -14.93 4.83 -20.22
C LEU A 40 -15.95 4.76 -19.09
N ASP A 41 -16.55 3.57 -18.96
CA ASP A 41 -17.28 3.11 -17.78
C ASP A 41 -17.62 1.66 -18.08
N LEU A 42 -18.10 0.92 -17.10
CA LEU A 42 -18.27 -0.51 -17.31
C LEU A 42 -19.26 -0.85 -18.46
N PRO A 43 -20.45 -0.22 -18.46
CA PRO A 43 -21.37 -0.54 -19.56
C PRO A 43 -20.79 -0.24 -20.94
N ARG A 44 -20.15 0.92 -21.12
CA ARG A 44 -19.60 1.22 -22.42
C ARG A 44 -18.43 0.32 -22.80
N MET A 45 -17.64 -0.11 -21.81
CA MET A 45 -16.60 -1.10 -22.08
C MET A 45 -17.19 -2.34 -22.72
N LYS A 46 -18.30 -2.82 -22.18
CA LYS A 46 -18.91 -4.04 -22.73
C LYS A 46 -19.43 -3.79 -24.14
N GLU A 47 -20.02 -2.63 -24.38
CA GLU A 47 -20.56 -2.33 -25.71
C GLU A 47 -19.45 -2.19 -26.76
N GLY A 48 -18.31 -1.67 -26.35
CA GLY A 48 -17.23 -1.39 -27.29
C GLY A 48 -16.25 -2.53 -27.49
N GLY A 49 -16.39 -3.60 -26.72
CA GLY A 49 -15.49 -4.74 -26.83
C GLY A 49 -14.15 -4.51 -26.15
N PHE A 50 -14.17 -3.73 -25.08
CA PHE A 50 -12.96 -3.46 -24.29
C PHE A 50 -12.77 -4.65 -23.37
N ALA A 51 -11.75 -5.47 -23.65
CA ALA A 51 -11.46 -6.67 -22.84
C ALA A 51 -10.77 -6.37 -21.52
N GLY A 52 -10.09 -5.24 -21.47
CA GLY A 52 -9.31 -4.86 -20.31
C GLY A 52 -8.18 -3.95 -20.71
N GLY A 53 -7.38 -3.57 -19.72
CA GLY A 53 -6.25 -2.70 -20.00
C GLY A 53 -5.45 -2.31 -18.78
N PHE A 54 -4.43 -1.49 -19.03
CA PHE A 54 -3.66 -0.87 -17.96
C PHE A 54 -4.44 0.35 -17.45
N PHE A 55 -4.69 0.37 -16.14
CA PHE A 55 -5.36 1.49 -15.47
C PHE A 55 -4.31 2.31 -14.74
N ALA A 56 -4.07 3.51 -15.25
CA ALA A 56 -3.00 4.36 -14.72
C ALA A 56 -3.37 5.08 -13.45
N ILE A 57 -2.45 5.02 -12.50
CA ILE A 57 -2.43 5.89 -11.34
C ILE A 57 -1.49 7.02 -11.69
N TYR A 58 -2.02 8.23 -11.85
CA TYR A 58 -1.27 9.39 -12.28
C TYR A 58 -1.60 10.54 -11.35
N VAL A 59 -0.58 11.19 -10.81
CA VAL A 59 -0.77 12.27 -9.83
C VAL A 59 -0.76 13.61 -10.56
N PRO A 60 -1.89 14.32 -10.57
CA PRO A 60 -1.91 15.61 -11.28
C PRO A 60 -1.17 16.72 -10.55
N SER A 61 -0.58 17.63 -11.33
CA SER A 61 0.01 18.85 -10.79
C SER A 61 -1.08 19.88 -10.51
N PRO A 62 -0.77 20.92 -9.70
CA PRO A 62 -1.75 21.95 -9.37
C PRO A 62 -2.38 22.58 -10.61
N GLN A 63 -1.57 22.87 -11.63
CA GLN A 63 -2.08 23.17 -12.95
C GLN A 63 -2.19 21.83 -13.67
N ALA A 64 -3.37 21.23 -13.66
CA ALA A 64 -3.51 19.89 -14.19
C ALA A 64 -3.31 19.88 -15.71
N HIS A 65 -3.09 18.68 -16.27
CA HIS A 65 -2.82 18.53 -17.70
C HIS A 65 -3.92 19.11 -18.57
N ASP A 66 -5.15 19.12 -18.07
CA ASP A 66 -6.27 19.65 -18.84
C ASP A 66 -6.70 21.06 -18.41
N ALA A 67 -5.80 21.77 -17.73
CA ALA A 67 -6.04 23.18 -17.42
C ALA A 67 -6.32 23.93 -18.73
N ALA A 68 -7.20 24.92 -18.65
CA ALA A 68 -7.65 25.64 -19.84
C ALA A 68 -6.51 26.23 -20.65
N HIS A 69 -5.51 26.81 -19.97
CA HIS A 69 -4.41 27.43 -20.70
C HIS A 69 -3.58 26.43 -21.49
N PHE A 70 -3.44 25.21 -20.96
CA PHE A 70 -2.70 24.16 -21.66
C PHE A 70 -3.46 23.66 -22.89
N GLU A 71 -4.77 23.43 -22.72
CA GLU A 71 -5.59 22.98 -23.82
C GLU A 71 -5.53 24.01 -24.95
N ALA A 72 -5.66 25.28 -24.61
CA ALA A 72 -5.62 26.34 -25.62
C ALA A 72 -4.29 26.36 -26.37
N MET A 73 -3.19 26.20 -25.64
CA MET A 73 -1.88 26.19 -26.28
C MET A 73 -1.74 25.03 -27.24
N MET A 74 -2.19 23.86 -26.81
CA MET A 74 -2.09 22.66 -27.66
C MET A 74 -3.02 22.72 -28.87
N ASP A 75 -3.99 23.64 -28.86
CA ASP A 75 -4.90 23.80 -30.01
C ASP A 75 -4.20 24.41 -31.22
N ALA A 76 -3.18 25.23 -30.97
CA ALA A 76 -2.53 25.97 -32.04
C ALA A 76 -1.01 25.87 -32.00
N PRO A 77 -0.48 24.78 -32.56
CA PRO A 77 0.97 24.63 -32.70
C PRO A 77 1.50 25.71 -33.65
N PRO A 78 2.79 26.04 -33.53
CA PRO A 78 3.75 25.41 -32.62
C PRO A 78 3.48 25.80 -31.16
N PHE A 79 3.80 24.89 -30.25
CA PHE A 79 3.66 25.17 -28.84
C PHE A 79 4.72 24.45 -28.01
N GLU A 80 4.89 24.94 -26.77
CA GLU A 80 5.81 24.36 -25.80
C GLU A 80 5.18 24.62 -24.44
N LEU A 81 4.82 23.57 -23.72
CA LEU A 81 4.28 23.74 -22.38
C LEU A 81 5.39 23.63 -21.36
N PRO A 82 5.34 24.49 -20.32
CA PRO A 82 6.34 24.45 -19.25
C PRO A 82 6.23 23.16 -18.45
N LEU A 83 7.35 22.66 -17.95
CA LEU A 83 7.31 21.51 -17.04
C LEU A 83 6.87 21.96 -15.66
N PRO A 84 5.98 21.21 -15.02
CA PRO A 84 5.60 21.51 -13.64
C PRO A 84 6.74 21.18 -12.69
N PRO A 85 6.66 21.70 -11.46
CA PRO A 85 7.64 21.36 -10.43
C PRO A 85 7.52 19.89 -10.00
N MET A 86 8.61 19.34 -9.48
CA MET A 86 8.64 17.99 -8.96
C MET A 86 7.66 17.84 -7.79
N ILE A 87 6.96 16.70 -7.76
CA ILE A 87 6.12 16.35 -6.62
C ILE A 87 6.85 15.25 -5.85
N ARG A 88 7.03 15.44 -4.54
CA ARG A 88 7.76 14.46 -3.75
C ARG A 88 6.82 13.42 -3.17
N ALA A 89 7.40 12.32 -2.67
CA ALA A 89 6.61 11.19 -2.18
C ALA A 89 5.57 11.54 -1.12
N GLU A 90 5.93 12.40 -0.16
CA GLU A 90 5.00 12.77 0.89
C GLU A 90 3.67 13.32 0.36
N GLN A 91 3.74 14.08 -0.74
CA GLN A 91 2.54 14.65 -1.35
C GLN A 91 1.89 13.69 -2.35
N ALA A 92 2.70 12.91 -3.05
CA ALA A 92 2.19 12.03 -4.09
C ALA A 92 1.51 10.79 -3.49
N GLN A 93 2.02 10.32 -2.35
CA GLN A 93 1.54 9.06 -1.81
C GLN A 93 0.05 9.00 -1.48
N PRO A 94 -0.51 10.03 -0.83
CA PRO A 94 -1.95 9.98 -0.56
C PRO A 94 -2.78 9.94 -1.85
N VAL A 95 -2.31 10.59 -2.90
CA VAL A 95 -3.08 10.64 -4.14
C VAL A 95 -3.00 9.27 -4.82
N ALA A 96 -1.80 8.69 -4.85
CA ALA A 96 -1.61 7.37 -5.45
C ALA A 96 -2.39 6.33 -4.67
N LEU A 97 -2.38 6.42 -3.33
CA LEU A 97 -3.20 5.51 -2.53
C LEU A 97 -4.69 5.67 -2.83
N ALA A 98 -5.15 6.91 -2.98
CA ALA A 98 -6.55 7.14 -3.31
C ALA A 98 -6.91 6.42 -4.61
N MET A 99 -6.07 6.57 -5.63
CA MET A 99 -6.40 6.01 -6.94
C MET A 99 -6.29 4.48 -6.92
N ALA A 100 -5.26 3.95 -6.26
CA ALA A 100 -5.17 2.49 -6.10
C ALA A 100 -6.38 1.95 -5.34
N GLY A 101 -6.84 2.71 -4.35
CA GLY A 101 -8.02 2.33 -3.58
C GLY A 101 -9.28 2.30 -4.42
N HIS A 102 -9.41 3.25 -5.35
CA HIS A 102 -10.55 3.25 -6.28
C HIS A 102 -10.50 2.04 -7.21
N LEU A 103 -9.30 1.64 -7.62
CA LEU A 103 -9.16 0.52 -8.53
C LEU A 103 -9.62 -0.77 -7.85
N LEU A 104 -9.20 -0.98 -6.60
CA LEU A 104 -9.65 -2.15 -5.86
C LEU A 104 -11.15 -2.08 -5.63
N TRP A 105 -11.63 -0.90 -5.29
CA TRP A 105 -13.08 -0.69 -5.14
C TRP A 105 -13.85 -1.09 -6.40
N MET A 106 -13.33 -0.71 -7.58
CA MET A 106 -14.00 -1.04 -8.84
C MET A 106 -14.26 -2.55 -8.95
N GLU A 107 -13.28 -3.33 -8.53
CA GLU A 107 -13.39 -4.78 -8.55
C GLU A 107 -14.42 -5.28 -7.53
N ARG A 108 -14.42 -4.72 -6.33
CA ARG A 108 -15.42 -5.10 -5.34
C ARG A 108 -16.81 -4.80 -5.86
N ALA A 109 -16.99 -3.59 -6.38
CA ALA A 109 -18.30 -3.09 -6.79
C ALA A 109 -18.88 -3.81 -8.01
N ALA A 110 -18.01 -4.31 -8.87
CA ALA A 110 -18.45 -4.91 -10.12
C ALA A 110 -18.83 -6.38 -9.97
N ARG A 111 -18.67 -6.91 -8.76
CA ARG A 111 -19.17 -8.25 -8.43
C ARG A 111 -18.71 -9.33 -9.44
N GLY A 112 -17.43 -9.33 -9.77
CA GLY A 112 -16.86 -10.35 -10.62
C GLY A 112 -16.78 -10.04 -12.10
N ARG A 113 -17.31 -8.89 -12.51
CA ARG A 113 -17.29 -8.48 -13.92
C ARG A 113 -16.02 -7.74 -14.31
N PHE A 114 -15.21 -7.43 -13.30
CA PHE A 114 -13.94 -6.74 -13.50
C PHE A 114 -12.95 -7.37 -12.54
N LYS A 115 -11.72 -7.59 -12.99
CA LYS A 115 -10.72 -8.18 -12.11
C LYS A 115 -9.38 -7.49 -12.28
N VAL A 116 -8.78 -7.09 -11.16
CA VAL A 116 -7.41 -6.62 -11.16
C VAL A 116 -6.49 -7.83 -11.26
N CYS A 117 -5.74 -7.91 -12.36
CA CYS A 117 -4.90 -9.06 -12.63
C CYS A 117 -3.45 -8.83 -12.26
N ARG A 118 -2.81 -9.88 -11.75
CA ARG A 118 -1.44 -9.79 -11.28
C ARG A 118 -0.51 -10.71 -12.07
N THR A 119 -1.08 -11.57 -12.91
CA THR A 119 -0.30 -12.48 -13.74
C THR A 119 -0.86 -12.54 -15.17
N ALA A 120 -0.06 -12.99 -16.13
CA ALA A 120 -0.52 -13.09 -17.51
C ALA A 120 -1.60 -14.16 -17.63
N ALA A 121 -1.48 -15.22 -16.82
CA ALA A 121 -2.48 -16.28 -16.83
C ALA A 121 -3.84 -15.73 -16.42
N GLU A 122 -3.86 -14.83 -15.44
CA GLU A 122 -5.11 -14.24 -15.01
C GLU A 122 -5.72 -13.38 -16.12
N VAL A 123 -4.87 -12.60 -16.79
CA VAL A 123 -5.34 -11.80 -17.90
C VAL A 123 -5.97 -12.67 -19.00
N ARG A 124 -5.29 -13.75 -19.38
CA ARG A 124 -5.82 -14.63 -20.42
C ARG A 124 -7.11 -15.32 -19.98
N SER A 125 -7.21 -15.67 -18.70
CA SER A 125 -8.41 -16.30 -18.20
C SER A 125 -9.57 -15.32 -18.28
N CYS A 126 -9.31 -14.07 -17.91
CA CYS A 126 -10.32 -13.03 -18.03
C CYS A 126 -10.80 -12.88 -19.46
N HIS A 127 -9.86 -12.93 -20.40
CA HIS A 127 -10.18 -12.79 -21.82
C HIS A 127 -11.14 -13.91 -22.23
N ALA A 128 -10.79 -15.13 -21.88
CA ALA A 128 -11.62 -16.28 -22.24
C ALA A 128 -13.00 -16.21 -21.61
N ASP A 129 -13.08 -15.68 -20.39
CA ASP A 129 -14.32 -15.63 -19.63
C ASP A 129 -15.16 -14.38 -19.89
N GLY A 130 -14.64 -13.45 -20.68
CA GLY A 130 -15.34 -12.19 -20.91
C GLY A 130 -15.44 -11.30 -19.67
N ILE A 131 -14.48 -11.44 -18.76
CA ILE A 131 -14.40 -10.57 -17.59
C ILE A 131 -13.40 -9.46 -17.90
N VAL A 132 -13.76 -8.21 -17.64
CA VAL A 132 -12.85 -7.11 -17.96
C VAL A 132 -11.63 -7.17 -17.03
N SER A 133 -10.44 -7.12 -17.62
CA SER A 133 -9.22 -7.19 -16.84
C SER A 133 -8.61 -5.81 -16.62
N GLY A 134 -7.91 -5.67 -15.50
CA GLY A 134 -7.21 -4.43 -15.19
C GLY A 134 -5.82 -4.70 -14.68
N ILE A 135 -4.85 -3.98 -15.21
CA ILE A 135 -3.49 -4.00 -14.65
C ILE A 135 -3.25 -2.69 -13.91
N MET A 136 -2.86 -2.79 -12.64
CA MET A 136 -2.48 -1.59 -11.87
C MET A 136 -1.15 -1.02 -12.38
N HIS A 137 -1.21 0.22 -12.84
CA HIS A 137 -0.09 0.90 -13.50
C HIS A 137 0.15 2.21 -12.81
N MET A 138 1.42 2.59 -12.66
CA MET A 138 1.75 3.90 -12.09
C MET A 138 2.42 4.75 -13.18
N GLU A 139 1.82 5.88 -13.50
CA GLU A 139 2.32 6.77 -14.54
C GLU A 139 3.05 7.91 -13.86
N GLY A 140 4.37 7.79 -13.76
CA GLY A 140 5.17 8.70 -12.94
C GLY A 140 5.33 8.07 -11.58
N ALA A 141 6.56 7.98 -11.10
CA ALA A 141 6.85 7.22 -9.89
C ALA A 141 7.04 8.09 -8.65
N GLU A 142 6.38 9.24 -8.60
CA GLU A 142 6.52 10.15 -7.46
C GLU A 142 6.15 9.51 -6.13
N ALA A 143 5.22 8.56 -6.14
CA ALA A 143 4.82 7.90 -4.91
C ALA A 143 5.89 6.93 -4.40
N ILE A 144 6.95 6.75 -5.17
CA ILE A 144 8.06 5.89 -4.77
C ILE A 144 9.24 6.77 -4.36
N GLY A 145 9.69 6.63 -3.12
CA GLY A 145 10.87 7.38 -2.70
C GLY A 145 12.13 6.84 -3.36
N ALA A 146 13.20 7.64 -3.34
CA ALA A 146 14.46 7.21 -3.94
C ALA A 146 15.02 5.95 -3.29
N ASP A 147 14.64 5.70 -2.04
CA ASP A 147 15.01 4.49 -1.32
C ASP A 147 14.37 3.22 -1.91
N LEU A 148 13.29 3.41 -2.66
CA LEU A 148 12.53 2.33 -3.30
C LEU A 148 11.65 1.49 -2.37
N ASP A 149 11.59 1.85 -1.10
CA ASP A 149 10.81 1.03 -0.16
C ASP A 149 9.36 0.87 -0.61
N ALA A 150 8.78 1.95 -1.12
CA ALA A 150 7.37 1.90 -1.52
C ALA A 150 7.15 1.10 -2.80
N LEU A 151 8.20 0.89 -3.59
CA LEU A 151 8.07 0.02 -4.75
C LEU A 151 7.66 -1.38 -4.31
N HIS A 152 8.28 -1.86 -3.24
CA HIS A 152 7.93 -3.18 -2.73
C HIS A 152 6.53 -3.21 -2.16
N LEU A 153 6.14 -2.14 -1.47
CA LEU A 153 4.78 -2.04 -0.95
C LEU A 153 3.75 -2.07 -2.07
N PHE A 154 3.93 -1.21 -3.08
CA PHE A 154 2.97 -1.17 -4.17
C PHE A 154 2.94 -2.49 -4.93
N HIS A 155 4.09 -3.10 -5.13
CA HIS A 155 4.14 -4.40 -5.79
C HIS A 155 3.32 -5.43 -5.02
N SER A 156 3.45 -5.40 -3.70
CA SER A 156 2.74 -6.36 -2.84
C SER A 156 1.24 -6.23 -2.98
N LEU A 157 0.75 -5.03 -3.21
CA LEU A 157 -0.69 -4.84 -3.34
C LEU A 157 -1.21 -4.86 -4.78
N GLY A 158 -0.32 -5.14 -5.74
CA GLY A 158 -0.76 -5.44 -7.09
C GLY A 158 -0.15 -4.62 -8.22
N LEU A 159 0.75 -3.70 -7.91
CA LEU A 159 1.35 -2.90 -8.97
C LEU A 159 2.16 -3.79 -9.90
N ARG A 160 1.93 -3.71 -11.21
CA ARG A 160 2.65 -4.56 -12.16
C ARG A 160 3.33 -3.80 -13.30
N SER A 161 3.16 -2.49 -13.32
CA SER A 161 3.65 -1.67 -14.41
C SER A 161 3.93 -0.28 -13.89
N LEU A 162 5.01 0.33 -14.37
CA LEU A 162 5.45 1.61 -13.86
C LEU A 162 6.20 2.40 -14.93
N GLY A 163 5.72 3.63 -15.18
CA GLY A 163 6.52 4.60 -15.91
C GLY A 163 7.27 5.47 -14.92
N PRO A 164 8.61 5.48 -14.98
CA PRO A 164 9.36 6.26 -13.99
C PRO A 164 8.97 7.73 -13.94
N VAL A 165 8.61 8.30 -15.09
CA VAL A 165 8.20 9.69 -15.13
C VAL A 165 6.94 9.93 -15.94
N TRP A 166 6.22 10.98 -15.56
CA TRP A 166 5.23 11.61 -16.41
C TRP A 166 5.98 12.77 -17.08
N SER A 167 5.27 13.74 -17.64
CA SER A 167 5.94 14.89 -18.26
C SER A 167 6.26 15.93 -17.19
N ARG A 168 7.17 15.56 -16.28
CA ARG A 168 7.44 16.31 -15.06
C ARG A 168 8.63 15.65 -14.38
N PRO A 169 9.55 16.44 -13.80
CA PRO A 169 10.74 15.83 -13.21
C PRO A 169 10.40 14.98 -11.98
N THR A 170 11.15 13.90 -11.78
CA THR A 170 11.02 13.09 -10.57
C THR A 170 12.42 12.81 -10.01
N VAL A 171 12.49 12.18 -8.84
CA VAL A 171 13.79 11.80 -8.28
C VAL A 171 14.50 10.76 -9.15
N PHE A 172 13.81 10.23 -10.16
CA PHE A 172 14.34 9.10 -10.94
C PHE A 172 14.83 9.52 -12.32
N GLY A 173 14.45 10.71 -12.77
CA GLY A 173 14.75 11.14 -14.11
C GLY A 173 13.76 12.16 -14.61
N HIS A 174 13.76 12.34 -15.92
CA HIS A 174 13.09 13.46 -16.54
C HIS A 174 12.18 13.08 -17.69
N GLY A 175 10.98 13.66 -17.68
CA GLY A 175 10.01 13.46 -18.75
C GLY A 175 10.05 14.59 -19.76
N VAL A 176 9.48 14.35 -20.93
CA VAL A 176 9.47 15.38 -21.96
C VAL A 176 8.41 16.41 -21.64
N PRO A 177 8.71 17.69 -21.92
CA PRO A 177 7.62 18.66 -21.92
C PRO A 177 6.76 18.41 -23.14
N PHE A 178 5.51 18.84 -23.11
CA PHE A 178 4.65 18.75 -24.29
C PHE A 178 5.02 19.87 -25.25
N ARG A 179 5.50 19.49 -26.43
CA ARG A 179 5.94 20.46 -27.42
C ARG A 179 5.71 19.93 -28.82
N PHE A 180 5.41 20.84 -29.75
CA PHE A 180 5.32 20.46 -31.16
C PHE A 180 5.73 21.67 -32.01
N PRO A 181 6.64 21.47 -32.97
CA PRO A 181 7.38 20.23 -33.20
C PRO A 181 8.61 20.20 -32.29
N GLY A 182 9.14 19.03 -32.01
CA GLY A 182 10.36 18.95 -31.25
C GLY A 182 10.85 17.52 -31.07
N SER A 183 12.16 17.40 -30.82
CA SER A 183 12.81 16.14 -30.56
C SER A 183 12.47 15.66 -29.15
N PRO A 184 12.43 14.34 -28.93
CA PRO A 184 12.24 13.83 -27.57
C PRO A 184 13.49 14.03 -26.69
N ASP A 185 14.58 14.54 -27.26
CA ASP A 185 15.80 14.76 -26.48
C ASP A 185 15.73 16.12 -25.79
N THR A 186 14.96 16.16 -24.71
CA THR A 186 14.60 17.43 -24.08
C THR A 186 15.31 17.71 -22.76
N GLY A 187 16.08 16.73 -22.27
CA GLY A 187 16.77 16.92 -21.00
C GLY A 187 17.67 15.77 -20.56
N GLU A 188 17.97 15.76 -19.26
CA GLU A 188 18.91 14.79 -18.70
C GLU A 188 18.34 13.39 -18.58
N GLY A 189 19.22 12.42 -18.49
CA GLY A 189 18.80 11.03 -18.34
C GLY A 189 18.44 10.65 -16.92
N LEU A 190 18.44 9.35 -16.67
CA LEU A 190 18.09 8.82 -15.35
C LEU A 190 19.08 9.27 -14.30
N THR A 191 18.57 9.48 -13.09
CA THR A 191 19.41 9.71 -11.92
C THR A 191 19.90 8.36 -11.41
N GLU A 192 20.78 8.38 -10.39
CA GLU A 192 21.25 7.15 -9.82
C GLU A 192 20.05 6.34 -9.27
N ALA A 193 19.12 7.06 -8.65
CA ALA A 193 17.91 6.43 -8.14
C ALA A 193 17.10 5.78 -9.27
N GLY A 194 17.03 6.47 -10.41
CA GLY A 194 16.36 5.92 -11.58
C GLY A 194 17.01 4.64 -12.08
N ARG A 195 18.33 4.61 -12.06
CA ARG A 195 19.05 3.40 -12.45
C ARG A 195 18.73 2.27 -11.48
N ARG A 196 18.72 2.56 -10.18
CA ARG A 196 18.31 1.55 -9.21
C ARG A 196 16.86 1.10 -9.39
N LEU A 197 16.00 2.04 -9.74
CA LEU A 197 14.60 1.74 -10.03
C LEU A 197 14.44 0.75 -11.19
N VAL A 198 15.20 0.96 -12.26
CA VAL A 198 15.17 0.02 -13.38
C VAL A 198 15.58 -1.37 -12.92
N ALA A 199 16.67 -1.45 -12.17
CA ALA A 199 17.17 -2.74 -11.70
C ALA A 199 16.14 -3.46 -10.82
N GLU A 200 15.50 -2.69 -9.93
CA GLU A 200 14.56 -3.28 -8.98
C GLU A 200 13.26 -3.70 -9.67
N CYS A 201 12.83 -2.91 -10.66
CA CYS A 201 11.65 -3.31 -11.43
C CYS A 201 11.94 -4.60 -12.21
N ASN A 202 13.13 -4.69 -12.80
CA ASN A 202 13.51 -5.93 -13.46
C ASN A 202 13.47 -7.13 -12.50
N ARG A 203 13.99 -6.94 -11.29
CA ARG A 203 14.03 -8.03 -10.32
C ARG A 203 12.62 -8.44 -9.89
N LEU A 204 11.77 -7.45 -9.66
CA LEU A 204 10.39 -7.69 -9.25
C LEU A 204 9.47 -8.07 -10.39
N LYS A 205 9.99 -8.01 -11.63
CA LYS A 205 9.20 -8.28 -12.83
C LYS A 205 8.02 -7.30 -12.95
N ILE A 206 8.30 -6.04 -12.65
CA ILE A 206 7.40 -4.92 -12.91
C ILE A 206 7.75 -4.33 -14.27
N MET A 207 6.78 -4.24 -15.17
CA MET A 207 7.00 -3.69 -16.50
C MET A 207 7.37 -2.22 -16.40
N LEU A 208 8.41 -1.81 -17.12
CA LEU A 208 8.75 -0.40 -17.22
C LEU A 208 8.11 0.21 -18.46
N ASP A 209 7.54 1.39 -18.29
CA ASP A 209 6.86 2.10 -19.38
C ASP A 209 7.68 3.35 -19.72
N LEU A 210 8.09 3.44 -20.98
CA LEU A 210 8.92 4.54 -21.46
C LEU A 210 8.12 5.76 -21.94
N SER A 211 6.80 5.62 -22.10
CA SER A 211 6.00 6.78 -22.48
C SER A 211 6.22 7.92 -21.49
N HIS A 212 6.51 9.09 -22.03
CA HIS A 212 6.85 10.34 -21.30
C HIS A 212 8.32 10.51 -21.00
N LEU A 213 9.08 9.43 -20.94
CA LEU A 213 10.50 9.51 -20.65
C LEU A 213 11.19 10.20 -21.82
N ASN A 214 12.13 11.10 -21.51
CA ASN A 214 12.87 11.76 -22.58
C ASN A 214 13.88 10.81 -23.22
N GLU A 215 14.55 11.28 -24.26
CA GLU A 215 15.37 10.39 -25.07
C GLU A 215 16.59 9.87 -24.30
N LYS A 216 17.20 10.73 -23.50
CA LYS A 216 18.36 10.28 -22.72
C LYS A 216 17.94 9.23 -21.69
N GLY A 217 16.79 9.44 -21.06
CA GLY A 217 16.29 8.47 -20.10
C GLY A 217 15.96 7.17 -20.80
N PHE A 218 15.36 7.28 -21.99
CA PHE A 218 15.05 6.13 -22.82
C PHE A 218 16.32 5.33 -23.11
N ASP A 219 17.38 6.03 -23.52
CA ASP A 219 18.64 5.37 -23.81
C ASP A 219 19.19 4.62 -22.59
N ASP A 220 19.04 5.22 -21.41
CA ASP A 220 19.46 4.61 -20.16
C ASP A 220 18.70 3.32 -19.89
N VAL A 221 17.38 3.34 -20.06
CA VAL A 221 16.60 2.14 -19.86
C VAL A 221 16.98 1.07 -20.88
N ALA A 222 17.16 1.49 -22.14
CA ALA A 222 17.55 0.53 -23.18
C ALA A 222 18.86 -0.16 -22.85
N ARG A 223 19.77 0.57 -22.20
CA ARG A 223 21.07 0.04 -21.84
C ARG A 223 21.00 -0.86 -20.59
N LEU A 224 20.09 -0.53 -19.69
CA LEU A 224 20.08 -1.15 -18.36
C LEU A 224 19.06 -2.26 -18.14
N SER A 225 17.92 -2.17 -18.80
CA SER A 225 16.84 -3.11 -18.54
C SER A 225 17.11 -4.46 -19.17
N ASP A 226 16.79 -5.53 -18.44
CA ASP A 226 16.94 -6.88 -18.97
C ASP A 226 15.64 -7.40 -19.59
N ALA A 227 14.67 -6.50 -19.73
CA ALA A 227 13.33 -6.87 -20.18
C ALA A 227 12.93 -6.08 -21.43
N PRO A 228 11.90 -6.55 -22.14
CA PRO A 228 11.52 -5.87 -23.39
C PRO A 228 11.19 -4.41 -23.13
N LEU A 229 11.48 -3.54 -24.10
CA LEU A 229 11.20 -2.12 -23.95
C LEU A 229 9.77 -1.83 -24.38
N VAL A 230 9.08 -1.03 -23.58
CA VAL A 230 7.66 -0.81 -23.80
C VAL A 230 7.35 0.67 -23.69
N ALA A 231 6.58 1.18 -24.65
CA ALA A 231 5.96 2.50 -24.53
C ALA A 231 4.47 2.26 -24.66
N THR A 232 3.72 2.43 -23.56
CA THR A 232 2.32 2.03 -23.58
C THR A 232 1.40 2.91 -24.43
N HIS A 233 1.78 4.18 -24.60
CA HIS A 233 0.92 5.11 -25.33
C HIS A 233 1.75 6.19 -26.03
N SER A 234 2.41 5.78 -27.11
CA SER A 234 3.31 6.66 -27.87
C SER A 234 3.23 6.31 -29.34
N ASN A 235 3.36 7.32 -30.21
CA ASN A 235 3.25 7.11 -31.64
C ASN A 235 4.55 7.38 -32.39
N ALA A 236 4.48 7.51 -33.71
CA ALA A 236 5.69 7.60 -34.52
C ALA A 236 6.12 9.02 -34.77
N HIS A 237 7.30 9.39 -34.26
CA HIS A 237 7.83 10.73 -34.42
C HIS A 237 8.01 11.10 -35.90
N ALA A 238 8.33 10.10 -36.71
CA ALA A 238 8.56 10.33 -38.14
C ALA A 238 7.28 10.80 -38.84
N VAL A 239 6.13 10.47 -38.27
CA VAL A 239 4.84 10.90 -38.80
C VAL A 239 4.37 12.20 -38.14
N THR A 240 4.43 12.24 -36.82
CA THR A 240 4.04 13.43 -36.05
C THR A 240 5.15 13.76 -35.07
N PRO A 241 5.92 14.82 -35.35
CA PRO A 241 7.10 15.16 -34.53
C PRO A 241 6.77 15.86 -33.22
N SER A 242 5.93 15.21 -32.42
CA SER A 242 5.67 15.61 -31.04
C SER A 242 6.77 15.08 -30.13
N THR A 243 7.15 15.85 -29.12
CA THR A 243 8.12 15.36 -28.13
C THR A 243 7.73 14.02 -27.48
N ARG A 244 6.43 13.72 -27.51
CA ARG A 244 5.90 12.50 -26.89
C ARG A 244 6.04 11.24 -27.76
N ASN A 245 6.35 11.41 -29.03
CA ASN A 245 6.45 10.27 -29.95
C ASN A 245 7.86 9.67 -30.04
N LEU A 246 7.97 8.55 -30.74
CA LEU A 246 9.19 7.76 -30.78
C LEU A 246 9.88 7.90 -32.14
N THR A 247 11.18 8.18 -32.13
CA THR A 247 11.92 8.26 -33.38
C THR A 247 12.18 6.86 -33.94
N ASP A 248 12.57 6.79 -35.20
CA ASP A 248 12.86 5.50 -35.80
C ASP A 248 14.01 4.79 -35.08
N ARG A 249 14.95 5.56 -34.57
CA ARG A 249 16.06 4.99 -33.82
C ARG A 249 15.53 4.34 -32.54
N GLN A 250 14.62 5.03 -31.87
CA GLN A 250 13.99 4.46 -30.68
C GLN A 250 13.17 3.21 -31.02
N LEU A 251 12.41 3.28 -32.10
CA LEU A 251 11.64 2.12 -32.54
C LEU A 251 12.55 0.91 -32.80
N ALA A 252 13.71 1.15 -33.40
CA ALA A 252 14.62 0.05 -33.71
C ALA A 252 15.13 -0.61 -32.44
N MET A 253 15.39 0.20 -31.42
CA MET A 253 15.82 -0.35 -30.13
CA MET A 253 15.81 -0.33 -30.12
C MET A 253 14.71 -1.16 -29.47
N ILE A 254 13.47 -0.65 -29.55
CA ILE A 254 12.33 -1.37 -29.01
C ILE A 254 12.19 -2.72 -29.73
N ARG A 255 12.29 -2.70 -31.05
CA ARG A 255 12.22 -3.93 -31.83
C ARG A 255 13.27 -4.94 -31.40
N GLU A 256 14.51 -4.49 -31.26
CA GLU A 256 15.60 -5.40 -30.91
C GLU A 256 15.31 -6.09 -29.58
N SER A 257 14.66 -5.37 -28.68
CA SER A 257 14.37 -5.90 -27.36
C SER A 257 13.13 -6.79 -27.32
N ARG A 258 12.47 -6.98 -28.48
CA ARG A 258 11.20 -7.71 -28.56
C ARG A 258 10.14 -7.03 -27.71
N GLY A 259 10.07 -5.70 -27.86
CA GLY A 259 9.21 -4.88 -27.02
C GLY A 259 7.81 -4.63 -27.55
N MET A 260 7.26 -3.47 -27.22
CA MET A 260 5.86 -3.22 -27.54
C MET A 260 5.59 -1.73 -27.51
N VAL A 261 4.81 -1.27 -28.49
CA VAL A 261 4.33 0.11 -28.51
C VAL A 261 2.82 0.11 -28.65
N GLY A 262 2.15 0.83 -27.74
CA GLY A 262 0.72 1.02 -27.84
C GLY A 262 0.37 2.33 -28.53
N LEU A 263 -0.48 2.26 -29.56
CA LEU A 263 -0.93 3.44 -30.28
C LEU A 263 -1.78 4.35 -29.42
N ASN A 264 -1.32 5.60 -29.25
CA ASN A 264 -2.02 6.60 -28.46
C ASN A 264 -3.09 7.28 -29.33
N PHE A 265 -4.33 7.33 -28.84
CA PHE A 265 -5.41 7.94 -29.62
C PHE A 265 -5.43 9.47 -29.50
N ALA A 266 -4.52 10.03 -28.71
CA ALA A 266 -4.48 11.48 -28.57
C ALA A 266 -4.31 12.18 -29.91
N THR A 267 -5.23 13.09 -30.22
CA THR A 267 -5.21 13.84 -31.47
C THR A 267 -3.83 14.47 -31.69
N SER A 268 -3.27 15.03 -30.63
CA SER A 268 -2.00 15.76 -30.69
C SER A 268 -0.84 14.90 -31.17
N PHE A 269 -0.96 13.58 -30.99
CA PHE A 269 0.16 12.69 -31.28
C PHE A 269 -0.08 11.89 -32.55
N LEU A 270 -1.26 12.04 -33.14
CA LEU A 270 -1.65 11.34 -34.36
C LEU A 270 -1.61 12.22 -35.60
N ARG A 271 -2.14 13.44 -35.47
CA ARG A 271 -2.24 14.35 -36.63
C ARG A 271 -0.85 14.80 -37.07
N GLU A 272 -0.63 14.88 -38.36
CA GLU A 272 0.66 15.32 -38.83
C GLU A 272 0.93 16.78 -38.43
N ASP A 273 -0.13 17.55 -38.23
CA ASP A 273 -0.01 18.95 -37.79
C ASP A 273 0.07 19.12 -36.27
N GLY A 274 -0.03 18.03 -35.52
CA GLY A 274 0.16 18.06 -34.08
C GLY A 274 -0.86 18.87 -33.30
N ARG A 275 -2.00 19.14 -33.92
CA ARG A 275 -3.07 19.93 -33.29
C ARG A 275 -3.91 19.06 -32.39
N ARG A 276 -4.65 19.69 -31.48
CA ARG A 276 -5.49 18.96 -30.53
C ARG A 276 -6.90 18.60 -31.04
N SER A 277 -7.33 19.23 -32.13
CA SER A 277 -8.70 19.07 -32.62
C SER A 277 -9.10 17.62 -32.96
N ALA A 278 -10.27 17.22 -32.47
CA ALA A 278 -10.83 15.91 -32.77
C ALA A 278 -11.34 15.78 -34.21
N GLU A 279 -11.34 16.89 -34.96
CA GLU A 279 -11.86 16.89 -36.33
C GLU A 279 -10.81 16.37 -37.31
N MET A 280 -10.83 15.06 -37.49
CA MET A 280 -9.86 14.37 -38.31
C MET A 280 -10.49 13.05 -38.76
N GLY A 281 -9.87 12.41 -39.73
CA GLY A 281 -10.37 11.13 -40.22
C GLY A 281 -9.50 9.97 -39.79
N TRP A 282 -9.67 8.83 -40.46
CA TRP A 282 -8.90 7.62 -40.14
C TRP A 282 -7.46 7.64 -40.67
N GLU A 283 -7.19 8.46 -41.69
CA GLU A 283 -5.87 8.43 -42.33
C GLU A 283 -4.69 8.54 -41.35
N PRO A 284 -4.73 9.50 -40.42
CA PRO A 284 -3.56 9.62 -39.54
C PRO A 284 -3.39 8.41 -38.62
N VAL A 285 -4.51 7.82 -38.20
CA VAL A 285 -4.44 6.63 -37.35
C VAL A 285 -3.73 5.50 -38.11
N LEU A 286 -4.12 5.28 -39.35
CA LEU A 286 -3.53 4.21 -40.14
C LEU A 286 -2.10 4.52 -40.57
N ARG A 287 -1.80 5.81 -40.73
CA ARG A 287 -0.46 6.22 -41.07
C ARG A 287 0.48 5.82 -39.94
N HIS A 288 0.11 6.14 -38.70
CA HIS A 288 0.94 5.75 -37.56
C HIS A 288 1.02 4.24 -37.40
N LEU A 289 -0.12 3.56 -37.52
CA LEU A 289 -0.10 2.10 -37.38
C LEU A 289 0.79 1.46 -38.42
N ASP A 290 0.66 1.89 -39.67
CA ASP A 290 1.51 1.33 -40.72
C ASP A 290 2.97 1.54 -40.40
N HIS A 291 3.32 2.75 -39.96
CA HIS A 291 4.72 3.06 -39.69
C HIS A 291 5.25 2.22 -38.54
N LEU A 292 4.46 2.11 -37.48
CA LEU A 292 4.84 1.31 -36.32
C LEU A 292 4.97 -0.16 -36.68
N ILE A 293 3.99 -0.69 -37.41
CA ILE A 293 4.00 -2.09 -37.80
C ILE A 293 5.18 -2.40 -38.71
N ASP A 294 5.46 -1.50 -39.64
CA ASP A 294 6.56 -1.71 -40.58
C ASP A 294 7.91 -1.80 -39.88
N ARG A 295 8.14 -0.95 -38.89
CA ARG A 295 9.45 -0.90 -38.24
C ARG A 295 9.55 -1.84 -37.05
N LEU A 296 8.49 -1.94 -36.25
CA LEU A 296 8.53 -2.79 -35.07
C LEU A 296 8.25 -4.26 -35.36
N GLY A 297 7.47 -4.51 -36.41
CA GLY A 297 7.00 -5.85 -36.70
C GLY A 297 5.58 -6.04 -36.21
N GLU A 298 4.86 -6.97 -36.83
CA GLU A 298 3.46 -7.20 -36.54
C GLU A 298 3.19 -7.65 -35.12
N ASP A 299 4.20 -8.18 -34.43
CA ASP A 299 4.00 -8.72 -33.09
C ASP A 299 4.25 -7.69 -31.99
N HIS A 300 4.60 -6.46 -32.36
CA HIS A 300 5.11 -5.52 -31.36
C HIS A 300 4.37 -4.19 -31.32
N VAL A 301 3.14 -4.20 -31.82
CA VAL A 301 2.28 -3.02 -31.84
C VAL A 301 0.90 -3.39 -31.29
N GLY A 302 0.32 -2.49 -30.49
CA GLY A 302 -1.05 -2.67 -30.05
C GLY A 302 -1.71 -1.34 -29.81
N MET A 303 -2.78 -1.33 -29.03
CA MET A 303 -3.47 -0.10 -28.69
C MET A 303 -2.99 0.43 -27.35
N GLY A 304 -2.89 1.76 -27.27
CA GLY A 304 -2.59 2.46 -26.03
C GLY A 304 -3.42 3.73 -25.95
N SER A 305 -4.73 3.52 -25.85
CA SER A 305 -5.76 4.53 -26.14
C SER A 305 -5.52 5.92 -25.54
N ASP A 306 -5.13 5.95 -24.27
CA ASP A 306 -5.17 7.18 -23.49
C ASP A 306 -6.63 7.60 -23.29
N PHE A 307 -7.55 6.64 -23.30
CA PHE A 307 -8.93 6.94 -22.92
C PHE A 307 -8.98 7.68 -21.58
N ASP A 308 -9.79 8.74 -21.54
CA ASP A 308 -9.97 9.61 -20.37
C ASP A 308 -8.75 10.43 -19.97
N GLY A 309 -7.71 10.37 -20.80
CA GLY A 309 -6.52 11.19 -20.56
C GLY A 309 -6.26 12.26 -21.61
N ALA A 310 -6.93 12.17 -22.76
CA ALA A 310 -6.66 13.07 -23.88
C ALA A 310 -7.87 13.19 -24.79
N THR A 311 -7.89 14.22 -25.63
CA THR A 311 -8.88 14.31 -26.69
C THR A 311 -8.51 13.30 -27.78
N ILE A 312 -9.49 12.54 -28.26
CA ILE A 312 -9.25 11.50 -29.26
C ILE A 312 -10.05 11.80 -30.54
N PRO A 313 -9.79 11.06 -31.63
CA PRO A 313 -10.47 11.39 -32.90
C PRO A 313 -11.98 11.25 -32.82
N GLN A 314 -12.69 12.14 -33.51
CA GLN A 314 -14.15 12.12 -33.50
C GLN A 314 -14.72 10.77 -33.94
N GLY A 315 -14.01 10.07 -34.83
CA GLY A 315 -14.45 8.78 -35.34
C GLY A 315 -14.43 7.67 -34.30
N ILE A 316 -13.63 7.86 -33.25
CA ILE A 316 -13.61 6.93 -32.11
C ILE A 316 -14.51 7.46 -31.00
N ALA A 317 -14.24 8.69 -30.55
CA ALA A 317 -15.08 9.42 -29.59
C ALA A 317 -15.05 8.92 -28.14
N ASP A 318 -15.15 7.61 -27.96
CA ASP A 318 -15.08 7.01 -26.63
C ASP A 318 -14.90 5.52 -26.85
N VAL A 319 -14.98 4.74 -25.78
CA VAL A 319 -14.68 3.32 -25.90
C VAL A 319 -15.65 2.58 -26.84
N THR A 320 -16.85 3.12 -27.03
CA THR A 320 -17.80 2.46 -27.94
C THR A 320 -17.41 2.65 -29.40
N GLY A 321 -16.36 3.43 -29.64
CA GLY A 321 -15.86 3.62 -30.99
C GLY A 321 -14.83 2.59 -31.44
N LEU A 322 -14.45 1.68 -30.56
CA LEU A 322 -13.46 0.66 -30.95
C LEU A 322 -13.91 -0.15 -32.16
N PRO A 323 -15.21 -0.51 -32.25
CA PRO A 323 -15.62 -1.24 -33.46
C PRO A 323 -15.44 -0.44 -34.75
N ALA A 324 -15.73 0.86 -34.73
CA ALA A 324 -15.51 1.70 -35.91
C ALA A 324 -14.03 1.75 -36.28
N LEU A 325 -13.17 1.84 -35.27
CA LEU A 325 -11.73 1.82 -35.51
C LEU A 325 -11.33 0.53 -36.19
N GLN A 326 -11.84 -0.59 -35.68
CA GLN A 326 -11.53 -1.90 -36.26
C GLN A 326 -11.99 -1.99 -37.72
N ALA A 327 -13.16 -1.44 -38.02
CA ALA A 327 -13.66 -1.41 -39.39
C ALA A 327 -12.72 -0.66 -40.34
N ALA A 328 -12.21 0.48 -39.89
CA ALA A 328 -11.26 1.24 -40.69
C ALA A 328 -9.96 0.47 -40.89
N MET A 329 -9.50 -0.20 -39.84
CA MET A 329 -8.29 -1.00 -39.93
C MET A 329 -8.45 -2.13 -40.93
N ARG A 330 -9.60 -2.79 -40.90
CA ARG A 330 -9.88 -3.87 -41.84
C ARG A 330 -9.93 -3.35 -43.28
N ALA A 331 -10.61 -2.21 -43.46
CA ALA A 331 -10.73 -1.63 -44.80
C ALA A 331 -9.37 -1.24 -45.37
N HIS A 332 -8.46 -0.87 -44.50
CA HIS A 332 -7.11 -0.48 -44.86
C HIS A 332 -6.31 -1.69 -45.34
N GLY A 333 -6.77 -2.87 -44.99
CA GLY A 333 -6.17 -4.10 -45.49
C GLY A 333 -5.56 -5.04 -44.46
N TYR A 334 -5.70 -4.72 -43.18
CA TYR A 334 -5.17 -5.60 -42.15
C TYR A 334 -6.00 -6.87 -42.09
N ASP A 335 -5.36 -8.03 -42.28
CA ASP A 335 -6.06 -9.31 -42.22
C ASP A 335 -6.37 -9.72 -40.78
N GLU A 336 -7.18 -10.76 -40.63
CA GLU A 336 -7.70 -11.14 -39.32
C GLU A 336 -6.62 -11.53 -38.30
N PRO A 337 -5.61 -12.31 -38.71
CA PRO A 337 -4.57 -12.64 -37.73
C PRO A 337 -3.87 -11.37 -37.25
N LEU A 338 -3.60 -10.44 -38.15
CA LEU A 338 -2.97 -9.19 -37.75
C LEU A 338 -3.89 -8.39 -36.83
N MET A 339 -5.18 -8.33 -37.17
CA MET A 339 -6.14 -7.65 -36.31
C MET A 339 -6.13 -8.22 -34.88
N ARG A 340 -6.08 -9.54 -34.73
CA ARG A 340 -6.07 -10.12 -33.40
C ARG A 340 -4.80 -9.74 -32.63
N LYS A 341 -3.67 -9.72 -33.33
CA LYS A 341 -2.41 -9.29 -32.73
C LYS A 341 -2.51 -7.84 -32.22
N LEU A 342 -2.98 -6.95 -33.08
CA LEU A 342 -3.05 -5.53 -32.75
C LEU A 342 -4.08 -5.25 -31.66
N CYS A 343 -5.13 -6.05 -31.62
CA CYS A 343 -6.21 -5.83 -30.67
C CYS A 343 -5.92 -6.35 -29.26
N HIS A 344 -5.28 -7.51 -29.15
CA HIS A 344 -4.95 -8.02 -27.83
C HIS A 344 -3.78 -9.00 -27.74
N GLU A 345 -3.56 -9.80 -28.78
CA GLU A 345 -2.57 -10.89 -28.62
C GLU A 345 -1.18 -10.36 -28.34
N ASN A 346 -0.81 -9.25 -28.97
CA ASN A 346 0.53 -8.70 -28.77
C ASN A 346 0.75 -8.27 -27.31
N TRP A 347 -0.22 -7.59 -26.71
CA TRP A 347 -0.08 -7.25 -25.29
C TRP A 347 0.09 -8.50 -24.44
N TYR A 348 -0.72 -9.52 -24.71
CA TYR A 348 -0.65 -10.72 -23.88
C TYR A 348 0.71 -11.38 -23.97
N GLY A 349 1.27 -11.44 -25.19
CA GLY A 349 2.62 -11.96 -25.38
C GLY A 349 3.64 -11.12 -24.65
N LEU A 350 3.54 -9.80 -24.77
CA LEU A 350 4.44 -8.89 -24.07
C LEU A 350 4.42 -9.14 -22.55
N LEU A 351 3.22 -9.31 -22.00
CA LEU A 351 3.11 -9.55 -20.57
C LEU A 351 3.83 -10.83 -20.18
N GLU A 352 3.71 -11.86 -21.02
CA GLU A 352 4.36 -13.13 -20.71
C GLU A 352 5.88 -12.97 -20.79
N ARG A 353 6.36 -12.22 -21.78
CA ARG A 353 7.79 -11.97 -21.91
C ARG A 353 8.37 -11.14 -20.76
N THR A 354 7.52 -10.38 -20.09
CA THR A 354 7.96 -9.43 -19.07
C THR A 354 7.81 -9.98 -17.65
N TRP A 355 6.63 -10.53 -17.38
CA TRP A 355 6.32 -11.05 -16.07
C TRP A 355 6.86 -12.46 -15.93
N ASP B 5 16.43 -23.48 28.96
CA ASP B 5 15.09 -23.65 29.51
C ASP B 5 14.18 -22.48 29.14
N THR B 6 14.75 -21.52 28.40
CA THR B 6 13.98 -20.38 27.92
C THR B 6 13.04 -20.76 26.79
N ILE B 7 11.74 -20.65 27.04
CA ILE B 7 10.74 -20.93 26.02
C ILE B 7 10.65 -19.75 25.04
N PRO B 8 10.56 -20.04 23.73
CA PRO B 8 10.41 -18.93 22.77
C PRO B 8 9.15 -18.11 23.08
N VAL B 9 9.26 -16.79 22.94
CA VAL B 9 8.14 -15.90 23.20
C VAL B 9 7.63 -15.28 21.90
N PHE B 10 6.33 -15.43 21.65
CA PHE B 10 5.69 -14.66 20.61
C PHE B 10 4.97 -13.52 21.29
N ASP B 11 5.20 -12.31 20.81
CA ASP B 11 4.79 -11.12 21.54
C ASP B 11 3.68 -10.29 20.88
N GLY B 12 2.84 -9.69 21.72
CA GLY B 12 1.66 -8.98 21.27
C GLY B 12 1.83 -7.57 20.70
N HIS B 13 2.94 -6.91 21.00
CA HIS B 13 3.09 -5.52 20.57
C HIS B 13 4.48 -4.96 20.74
N ASN B 14 5.08 -4.47 19.67
CA ASN B 14 6.33 -3.71 19.81
C ASN B 14 6.36 -2.56 18.82
N ASP B 15 7.14 -1.54 19.17
CA ASP B 15 7.27 -0.33 18.37
C ASP B 15 8.67 -0.16 17.81
N PHE B 16 9.33 -1.28 17.52
CA PHE B 16 10.64 -1.24 16.88
C PHE B 16 10.64 -0.39 15.60
N LEU B 17 9.54 -0.41 14.84
CA LEU B 17 9.50 0.35 13.59
C LEU B 17 9.64 1.86 13.82
N LEU B 18 9.28 2.33 15.01
CA LEU B 18 9.45 3.75 15.33
C LEU B 18 10.93 4.11 15.33
N ARG B 19 11.77 3.16 15.73
CA ARG B 19 13.20 3.43 15.72
C ARG B 19 13.77 3.54 14.30
N LEU B 20 13.22 2.76 13.37
CA LEU B 20 13.61 2.89 11.96
C LEU B 20 13.04 4.17 11.33
N LEU B 21 11.82 4.54 11.71
CA LEU B 21 11.23 5.80 11.27
C LEU B 21 12.11 6.98 11.70
N ARG B 22 12.63 6.92 12.92
CA ARG B 22 13.39 8.01 13.50
C ARG B 22 14.82 8.13 12.98
N ASN B 23 15.40 7.02 12.52
CA ASN B 23 16.76 7.02 11.96
C ASN B 23 16.89 6.08 10.77
N PRO B 24 16.17 6.38 9.68
CA PRO B 24 16.17 5.47 8.53
C PRO B 24 17.56 5.26 7.91
N ALA B 25 18.40 6.29 7.95
CA ALA B 25 19.73 6.19 7.36
C ALA B 25 20.60 5.12 8.03
N ASN B 26 20.29 4.80 9.29
CA ASN B 26 21.08 3.83 10.03
C ASN B 26 20.34 2.51 10.26
N ARG B 27 19.30 2.26 9.48
CA ARG B 27 18.49 1.06 9.70
C ARG B 27 19.24 -0.26 9.58
N GLU B 28 20.19 -0.35 8.66
CA GLU B 28 20.92 -1.60 8.48
C GLU B 28 21.62 -2.01 9.77
N THR B 29 22.30 -1.07 10.40
CA THR B 29 22.94 -1.33 11.68
C THR B 29 21.93 -1.55 12.80
N ILE B 30 20.94 -0.67 12.90
CA ILE B 30 19.96 -0.75 13.97
C ILE B 30 19.31 -2.13 14.00
N TRP B 31 18.89 -2.62 12.83
CA TRP B 31 18.19 -3.90 12.74
C TRP B 31 19.12 -5.12 12.80
N LEU B 32 20.15 -5.16 11.95
CA LEU B 32 20.98 -6.36 11.85
C LEU B 32 22.04 -6.49 12.96
N LYS B 33 22.44 -5.36 13.55
CA LYS B 33 23.51 -5.36 14.57
C LYS B 33 23.05 -4.86 15.93
N GLY B 34 22.02 -4.01 15.94
CA GLY B 34 21.68 -3.22 17.10
C GLY B 34 22.57 -2.00 17.12
N ASP B 35 22.10 -0.92 17.73
CA ASP B 35 22.91 0.30 17.81
C ASP B 35 23.20 0.66 19.26
N GLY B 36 23.06 -0.32 20.15
CA GLY B 36 23.34 -0.11 21.55
C GLY B 36 22.26 0.60 22.34
N THR B 37 21.14 0.89 21.69
CA THR B 37 20.02 1.55 22.34
C THR B 37 18.74 0.71 22.27
N GLY B 38 17.74 1.13 23.04
CA GLY B 38 16.42 0.56 22.95
C GLY B 38 16.30 -0.90 23.40
N HIS B 39 15.22 -1.53 22.98
CA HIS B 39 14.87 -2.85 23.51
C HIS B 39 15.11 -3.99 22.53
N LEU B 40 14.95 -3.70 21.24
CA LEU B 40 14.96 -4.74 20.22
C LEU B 40 16.01 -4.52 19.14
N ASP B 41 16.47 -5.64 18.58
CA ASP B 41 17.18 -5.70 17.30
C ASP B 41 17.36 -7.20 17.04
N LEU B 42 17.80 -7.58 15.85
CA LEU B 42 17.79 -9.00 15.51
C LEU B 42 18.68 -9.85 16.41
N PRO B 43 19.94 -9.41 16.63
CA PRO B 43 20.79 -10.27 17.48
C PRO B 43 20.21 -10.45 18.88
N ARG B 44 19.69 -9.38 19.48
CA ARG B 44 19.14 -9.48 20.82
C ARG B 44 17.84 -10.29 20.87
N MET B 45 17.05 -10.25 19.79
CA MET B 45 15.89 -11.13 19.69
C MET B 45 16.30 -12.59 19.83
N LYS B 46 17.34 -12.98 19.10
CA LYS B 46 17.82 -14.35 19.14
C LYS B 46 18.34 -14.69 20.54
N GLU B 47 19.11 -13.76 21.11
CA GLU B 47 19.65 -13.94 22.46
C GLU B 47 18.56 -14.13 23.52
N GLY B 48 17.51 -13.32 23.45
CA GLY B 48 16.46 -13.34 24.45
C GLY B 48 15.33 -14.34 24.24
N GLY B 49 15.34 -15.05 23.11
CA GLY B 49 14.31 -16.03 22.84
C GLY B 49 13.02 -15.42 22.33
N PHE B 50 13.13 -14.31 21.61
CA PHE B 50 11.99 -13.67 20.95
C PHE B 50 11.70 -14.42 19.64
N ALA B 51 10.60 -15.18 19.61
CA ALA B 51 10.22 -15.97 18.44
C ALA B 51 9.59 -15.12 17.35
N GLY B 52 9.03 -13.98 17.73
CA GLY B 52 8.33 -13.13 16.78
C GLY B 52 7.30 -12.29 17.49
N GLY B 53 6.56 -11.48 16.75
CA GLY B 53 5.51 -10.70 17.38
C GLY B 53 4.79 -9.77 16.41
N PHE B 54 3.85 -9.01 16.95
CA PHE B 54 3.18 -7.94 16.22
C PHE B 54 4.09 -6.72 16.19
N PHE B 55 4.37 -6.23 14.99
CA PHE B 55 5.15 -5.01 14.79
C PHE B 55 4.22 -3.86 14.44
N ALA B 56 4.08 -2.92 15.36
CA ALA B 56 3.14 -1.84 15.21
C ALA B 56 3.62 -0.72 14.31
N ILE B 57 2.72 -0.32 13.43
CA ILE B 57 2.81 0.93 12.70
C ILE B 57 1.98 1.93 13.48
N TYR B 58 2.66 2.89 14.11
CA TYR B 58 2.00 3.90 14.92
C TYR B 58 2.48 5.28 14.49
N VAL B 59 1.55 6.19 14.28
CA VAL B 59 1.88 7.52 13.74
C VAL B 59 1.98 8.49 14.90
N PRO B 60 3.19 9.02 15.17
CA PRO B 60 3.35 9.94 16.31
C PRO B 60 2.69 11.31 16.09
N SER B 61 2.21 11.91 17.17
CA SER B 61 1.78 13.31 17.16
C SER B 61 2.97 14.25 17.34
N PRO B 62 2.77 15.57 17.06
CA PRO B 62 3.84 16.57 17.20
C PRO B 62 4.51 16.54 18.57
N GLN B 63 3.71 16.45 19.63
CA GLN B 63 4.23 16.18 20.96
C GLN B 63 4.31 14.67 21.11
N ALA B 64 5.48 14.10 20.82
CA ALA B 64 5.66 12.66 20.84
C ALA B 64 5.29 12.06 22.20
N HIS B 65 4.90 10.79 22.20
CA HIS B 65 4.55 10.08 23.42
C HIS B 65 5.67 10.13 24.46
N ASP B 66 6.91 10.24 24.00
CA ASP B 66 8.05 10.28 24.91
C ASP B 66 8.64 11.68 25.06
N ALA B 67 7.83 12.70 24.79
CA ALA B 67 8.23 14.07 25.05
C ALA B 67 8.56 14.23 26.53
N ALA B 68 9.53 15.10 26.84
CA ALA B 68 10.03 15.24 28.20
C ALA B 68 8.93 15.62 29.20
N HIS B 69 8.00 16.48 28.79
CA HIS B 69 6.97 16.93 29.71
C HIS B 69 5.96 15.83 30.04
N PHE B 70 5.71 14.93 29.08
CA PHE B 70 4.84 13.78 29.35
C PHE B 70 5.51 12.81 30.33
N GLU B 71 6.79 12.54 30.12
CA GLU B 71 7.52 11.63 31.00
C GLU B 71 7.57 12.14 32.43
N ALA B 72 7.80 13.44 32.59
CA ALA B 72 7.84 14.05 33.92
C ALA B 72 6.48 13.92 34.61
N MET B 73 5.41 14.18 33.85
CA MET B 73 4.06 14.08 34.36
C MET B 73 3.75 12.65 34.80
N MET B 74 4.13 11.69 33.97
CA MET B 74 3.82 10.28 34.26
C MET B 74 4.67 9.75 35.41
N ASP B 75 5.69 10.49 35.81
CA ASP B 75 6.54 10.07 36.93
C ASP B 75 5.93 10.42 38.28
N ALA B 76 4.93 11.30 38.29
CA ALA B 76 4.35 11.76 39.55
C ALA B 76 2.82 11.84 39.51
N PRO B 77 2.15 10.71 39.71
CA PRO B 77 0.69 10.63 39.78
C PRO B 77 0.14 11.32 41.03
N PRO B 78 -1.14 11.73 41.02
CA PRO B 78 -2.01 11.50 39.87
C PRO B 78 -1.69 12.42 38.71
N PHE B 79 -1.94 11.92 37.50
CA PHE B 79 -1.71 12.72 36.30
C PHE B 79 -2.80 12.45 35.28
N GLU B 80 -2.94 13.39 34.34
CA GLU B 80 -3.80 13.20 33.20
C GLU B 80 -3.24 14.02 32.04
N LEU B 81 -2.80 13.31 31.00
CA LEU B 81 -2.22 13.95 29.83
C LEU B 81 -3.33 14.32 28.87
N PRO B 82 -3.21 15.50 28.23
CA PRO B 82 -4.25 15.88 27.28
C PRO B 82 -4.19 15.02 26.02
N LEU B 83 -5.31 14.88 25.33
CA LEU B 83 -5.34 14.16 24.07
C LEU B 83 -4.80 15.07 22.97
N PRO B 84 -4.00 14.52 22.06
CA PRO B 84 -3.51 15.28 20.90
C PRO B 84 -4.65 15.49 19.90
N PRO B 85 -4.44 16.42 18.96
CA PRO B 85 -5.46 16.61 17.92
C PRO B 85 -5.52 15.40 16.98
N MET B 86 -6.65 15.23 16.32
CA MET B 86 -6.83 14.16 15.32
C MET B 86 -5.84 14.37 14.17
N ILE B 87 -5.27 13.28 13.67
CA ILE B 87 -4.45 13.30 12.46
C ILE B 87 -5.24 12.66 11.31
N ARG B 88 -5.38 13.38 10.20
CA ARG B 88 -6.18 12.84 9.09
C ARG B 88 -5.34 11.99 8.14
N ALA B 89 -6.03 11.24 7.28
CA ALA B 89 -5.37 10.23 6.45
C ALA B 89 -4.29 10.82 5.55
N GLU B 90 -4.54 12.01 5.00
CA GLU B 90 -3.57 12.65 4.12
C GLU B 90 -2.21 12.79 4.81
N GLN B 91 -2.22 13.09 6.10
CA GLN B 91 -0.97 13.26 6.84
C GLN B 91 -0.45 11.95 7.41
N ALA B 92 -1.36 11.04 7.77
CA ALA B 92 -0.95 9.77 8.35
C ALA B 92 -0.39 8.78 7.34
N GLN B 93 -0.94 8.80 6.13
CA GLN B 93 -0.59 7.79 5.15
C GLN B 93 0.91 7.72 4.81
N PRO B 94 1.56 8.87 4.56
CA PRO B 94 3.00 8.77 4.25
C PRO B 94 3.79 8.15 5.41
N VAL B 95 3.38 8.44 6.65
CA VAL B 95 4.12 7.91 7.79
C VAL B 95 3.86 6.41 7.91
N ALA B 96 2.61 6.00 7.75
CA ALA B 96 2.29 4.58 7.77
C ALA B 96 3.00 3.83 6.66
N LEU B 97 3.04 4.40 5.45
CA LEU B 97 3.76 3.77 4.34
C LEU B 97 5.25 3.65 4.65
N ALA B 98 5.84 4.67 5.26
CA ALA B 98 7.25 4.60 5.61
C ALA B 98 7.51 3.43 6.56
N MET B 99 6.68 3.30 7.58
CA MET B 99 6.88 2.24 8.57
C MET B 99 6.61 0.85 7.95
N ALA B 100 5.55 0.72 7.15
CA ALA B 100 5.29 -0.54 6.48
C ALA B 100 6.44 -0.89 5.55
N GLY B 101 7.01 0.12 4.90
CA GLY B 101 8.16 -0.11 4.04
C GLY B 101 9.38 -0.60 4.80
N HIS B 102 9.60 -0.06 5.99
CA HIS B 102 10.70 -0.55 6.83
C HIS B 102 10.49 -2.00 7.24
N LEU B 103 9.24 -2.38 7.51
CA LEU B 103 8.96 -3.75 7.89
C LEU B 103 9.30 -4.73 6.77
N LEU B 104 8.89 -4.41 5.55
CA LEU B 104 9.22 -5.27 4.41
C LEU B 104 10.72 -5.31 4.19
N TRP B 105 11.37 -4.15 4.36
CA TRP B 105 12.81 -4.08 4.22
C TRP B 105 13.51 -4.99 5.23
N MET B 106 13.01 -5.01 6.48
CA MET B 106 13.58 -5.88 7.51
C MET B 106 13.67 -7.32 7.02
N GLU B 107 12.63 -7.78 6.34
CA GLU B 107 12.64 -9.14 5.82
C GLU B 107 13.64 -9.30 4.68
N ARG B 108 13.65 -8.35 3.75
CA ARG B 108 14.64 -8.42 2.67
C ARG B 108 16.05 -8.47 3.23
N ALA B 109 16.33 -7.64 4.24
CA ALA B 109 17.70 -7.49 4.75
C ALA B 109 18.15 -8.66 5.63
N ALA B 110 17.20 -9.36 6.23
CA ALA B 110 17.57 -10.41 7.18
C ALA B 110 17.82 -11.73 6.45
N ARG B 111 17.49 -11.75 5.16
CA ARG B 111 17.80 -12.91 4.32
C ARG B 111 17.38 -14.23 4.93
N GLY B 112 16.10 -14.38 5.23
CA GLY B 112 15.55 -15.62 5.72
C GLY B 112 15.46 -15.78 7.23
N ARG B 113 16.01 -14.84 7.99
CA ARG B 113 16.02 -14.94 9.46
C ARG B 113 14.81 -14.25 10.08
N PHE B 114 14.10 -13.48 9.27
CA PHE B 114 12.88 -12.79 9.68
C PHE B 114 11.86 -12.90 8.55
N LYS B 115 10.60 -13.15 8.90
CA LYS B 115 9.55 -13.24 7.89
C LYS B 115 8.30 -12.51 8.32
N VAL B 116 7.77 -11.66 7.45
CA VAL B 116 6.46 -11.06 7.68
C VAL B 116 5.41 -12.12 7.33
N CYS B 117 4.62 -12.51 8.33
CA CYS B 117 3.64 -13.58 8.16
C CYS B 117 2.24 -13.06 7.93
N ARG B 118 1.51 -13.74 7.06
CA ARG B 118 0.16 -13.34 6.69
C ARG B 118 -0.88 -14.38 7.08
N THR B 119 -0.42 -15.54 7.53
CA THR B 119 -1.30 -16.62 7.96
C THR B 119 -0.79 -17.28 9.24
N ALA B 120 -1.68 -17.96 9.94
CA ALA B 120 -1.31 -18.67 11.15
C ALA B 120 -0.31 -19.79 10.83
N ALA B 121 -0.53 -20.46 9.71
CA ALA B 121 0.38 -21.52 9.29
C ALA B 121 1.80 -20.99 9.10
N GLU B 122 1.93 -19.80 8.51
CA GLU B 122 3.25 -19.20 8.35
C GLU B 122 3.91 -18.92 9.70
N VAL B 123 3.15 -18.36 10.63
CA VAL B 123 3.66 -18.12 11.98
C VAL B 123 4.17 -19.41 12.64
N ARG B 124 3.36 -20.47 12.58
CA ARG B 124 3.75 -21.74 13.19
C ARG B 124 4.96 -22.36 12.51
N SER B 125 5.06 -22.19 11.20
CA SER B 125 6.21 -22.70 10.46
C SER B 125 7.47 -21.97 10.91
N CYS B 126 7.36 -20.65 11.04
CA CYS B 126 8.49 -19.88 11.52
C CYS B 126 8.92 -20.35 12.89
N HIS B 127 7.94 -20.63 13.75
CA HIS B 127 8.24 -21.05 15.10
C HIS B 127 9.06 -22.34 15.07
N ALA B 128 8.59 -23.31 14.29
CA ALA B 128 9.27 -24.60 14.18
C ALA B 128 10.68 -24.45 13.61
N ASP B 129 10.84 -23.52 12.68
CA ASP B 129 12.11 -23.34 11.96
C ASP B 129 13.07 -22.37 12.65
N GLY B 130 12.63 -21.76 13.75
CA GLY B 130 13.45 -20.77 14.42
C GLY B 130 13.66 -19.47 13.66
N ILE B 131 12.75 -19.18 12.74
CA ILE B 131 12.77 -17.92 12.00
C ILE B 131 11.89 -16.91 12.75
N VAL B 132 12.41 -15.71 12.97
CA VAL B 132 11.62 -14.70 13.68
C VAL B 132 10.44 -14.26 12.82
N SER B 133 9.24 -14.32 13.41
CA SER B 133 8.02 -13.96 12.67
C SER B 133 7.60 -12.52 12.99
N GLY B 134 6.93 -11.89 12.03
CA GLY B 134 6.38 -10.57 12.26
C GLY B 134 4.98 -10.45 11.70
N ILE B 135 4.07 -9.87 12.46
CA ILE B 135 2.75 -9.54 11.97
C ILE B 135 2.67 -8.03 11.78
N MET B 136 2.26 -7.59 10.59
CA MET B 136 2.05 -6.17 10.34
C MET B 136 0.80 -5.70 11.06
N HIS B 137 0.98 -4.76 11.99
CA HIS B 137 -0.09 -4.24 12.83
C HIS B 137 -0.17 -2.72 12.71
N MET B 138 -1.38 -2.17 12.71
CA MET B 138 -1.57 -0.73 12.69
C MET B 138 -2.17 -0.30 14.03
N GLU B 139 -1.45 0.55 14.76
CA GLU B 139 -1.88 1.06 16.06
C GLU B 139 -2.48 2.45 15.87
N GLY B 140 -3.79 2.51 15.78
CA GLY B 140 -4.48 3.71 15.37
C GLY B 140 -4.71 3.66 13.88
N ALA B 141 -5.96 3.88 13.45
CA ALA B 141 -6.30 3.70 12.04
C ALA B 141 -6.33 5.00 11.24
N GLU B 142 -5.54 5.99 11.65
CA GLU B 142 -5.51 7.27 10.93
C GLU B 142 -5.20 7.15 9.44
N ALA B 143 -4.38 6.17 9.06
CA ALA B 143 -4.04 5.98 7.66
C ALA B 143 -5.20 5.41 6.83
N ILE B 144 -6.30 5.06 7.49
CA ILE B 144 -7.48 4.56 6.81
C ILE B 144 -8.55 5.65 6.76
N GLY B 145 -8.97 6.05 5.57
CA GLY B 145 -10.05 7.01 5.49
C GLY B 145 -11.38 6.43 5.95
N ALA B 146 -12.33 7.31 6.28
CA ALA B 146 -13.66 6.86 6.69
C ALA B 146 -14.33 5.97 5.65
N ASP B 147 -13.93 6.14 4.39
CA ASP B 147 -14.45 5.34 3.29
C ASP B 147 -13.96 3.89 3.31
N LEU B 148 -12.88 3.65 4.05
CA LEU B 148 -12.24 2.32 4.21
C LEU B 148 -11.45 1.80 3.02
N ASP B 149 -11.32 2.60 1.96
CA ASP B 149 -10.63 2.11 0.78
C ASP B 149 -9.21 1.63 1.11
N ALA B 150 -8.53 2.38 1.96
CA ALA B 150 -7.16 2.05 2.32
C ALA B 150 -7.06 0.80 3.18
N LEU B 151 -8.14 0.41 3.86
CA LEU B 151 -8.10 -0.83 4.61
C LEU B 151 -7.83 -1.99 3.67
N HIS B 152 -8.50 -1.97 2.52
CA HIS B 152 -8.29 -3.02 1.53
C HIS B 152 -6.88 -2.99 0.95
N LEU B 153 -6.36 -1.79 0.71
CA LEU B 153 -4.98 -1.67 0.23
C LEU B 153 -3.98 -2.24 1.24
N PHE B 154 -4.07 -1.79 2.49
CA PHE B 154 -3.15 -2.27 3.50
C PHE B 154 -3.29 -3.78 3.72
N HIS B 155 -4.51 -4.29 3.71
CA HIS B 155 -4.70 -5.73 3.81
C HIS B 155 -3.97 -6.48 2.69
N SER B 156 -4.05 -5.92 1.48
CA SER B 156 -3.45 -6.54 0.31
C SER B 156 -1.94 -6.65 0.43
N LEU B 157 -1.31 -5.67 1.08
CA LEU B 157 0.14 -5.73 1.23
C LEU B 157 0.61 -6.37 2.53
N GLY B 158 -0.31 -6.88 3.34
CA GLY B 158 0.07 -7.69 4.49
C GLY B 158 -0.50 -7.31 5.84
N LEU B 159 -1.28 -6.23 5.93
CA LEU B 159 -1.84 -5.84 7.22
C LEU B 159 -2.79 -6.90 7.77
N ARG B 160 -2.54 -7.37 8.99
CA ARG B 160 -3.36 -8.44 9.55
C ARG B 160 -3.97 -8.10 10.91
N SER B 161 -3.65 -6.92 11.42
CA SER B 161 -4.08 -6.52 12.76
CA SER B 161 -4.17 -6.51 12.72
C SER B 161 -4.24 -5.00 12.81
N LEU B 162 -5.27 -4.52 13.50
CA LEU B 162 -5.55 -3.09 13.55
C LEU B 162 -6.23 -2.69 14.86
N GLY B 163 -5.63 -1.72 15.54
CA GLY B 163 -6.31 -1.03 16.63
C GLY B 163 -6.94 0.22 16.05
N PRO B 164 -8.27 0.33 16.10
CA PRO B 164 -8.91 1.50 15.50
C PRO B 164 -8.39 2.82 16.03
N VAL B 165 -8.01 2.86 17.30
CA VAL B 165 -7.47 4.07 17.87
C VAL B 165 -6.19 3.86 18.66
N TRP B 166 -5.35 4.89 18.66
CA TRP B 166 -4.34 5.06 19.69
C TRP B 166 -4.99 5.96 20.76
N SER B 167 -4.19 6.56 21.62
CA SER B 167 -4.72 7.47 22.64
C SER B 167 -4.90 8.88 22.05
N ARG B 168 -5.84 9.00 21.13
CA ARG B 168 -5.99 10.19 20.30
C ARG B 168 -7.24 9.97 19.45
N PRO B 169 -8.04 11.03 19.25
CA PRO B 169 -9.30 10.81 18.51
C PRO B 169 -9.05 10.49 17.03
N THR B 170 -9.94 9.69 16.44
CA THR B 170 -9.89 9.38 15.01
C THR B 170 -11.30 9.49 14.42
N VAL B 171 -11.40 9.37 13.10
CA VAL B 171 -12.72 9.36 12.46
C VAL B 171 -13.57 8.14 12.86
N PHE B 172 -12.96 7.18 13.57
CA PHE B 172 -13.61 5.92 13.89
C PHE B 172 -14.10 5.82 15.32
N GLY B 173 -13.57 6.69 16.18
CA GLY B 173 -13.81 6.58 17.61
C GLY B 173 -12.73 7.22 18.43
N HIS B 174 -12.69 6.89 19.72
CA HIS B 174 -11.88 7.63 20.66
C HIS B 174 -11.07 6.73 21.57
N GLY B 175 -9.81 7.10 21.75
CA GLY B 175 -8.94 6.39 22.67
C GLY B 175 -8.87 7.05 24.03
N VAL B 176 -8.37 6.32 25.01
CA VAL B 176 -8.28 6.88 26.34
C VAL B 176 -7.11 7.87 26.44
N PRO B 177 -7.32 8.98 27.16
CA PRO B 177 -6.14 9.75 27.57
C PRO B 177 -5.33 8.95 28.58
N PHE B 178 -4.03 9.22 28.67
CA PHE B 178 -3.23 8.61 29.72
C PHE B 178 -3.51 9.30 31.05
N ARG B 179 -4.06 8.54 31.99
CA ARG B 179 -4.41 9.12 33.28
C ARG B 179 -4.26 8.07 34.37
N PHE B 180 -3.90 8.53 35.56
CA PHE B 180 -3.86 7.65 36.72
C PHE B 180 -4.12 8.44 37.98
N PRO B 181 -5.06 7.96 38.82
CA PRO B 181 -5.94 6.83 38.58
C PRO B 181 -7.15 7.27 37.78
N GLY B 182 -7.78 6.35 37.05
CA GLY B 182 -8.98 6.69 36.31
C GLY B 182 -9.62 5.49 35.63
N SER B 183 -10.92 5.60 35.41
CA SER B 183 -11.68 4.61 34.67
C SER B 183 -11.38 4.70 33.18
N PRO B 184 -11.48 3.57 32.45
CA PRO B 184 -11.30 3.63 30.99
C PRO B 184 -12.48 4.28 30.28
N ASP B 185 -13.53 4.62 31.02
CA ASP B 185 -14.73 5.23 30.43
C ASP B 185 -14.53 6.73 30.32
N THR B 186 -13.77 7.11 29.30
CA THR B 186 -13.24 8.47 29.20
C THR B 186 -13.90 9.30 28.11
N GLY B 187 -14.73 8.69 27.29
CA GLY B 187 -15.32 9.40 26.16
C GLY B 187 -16.36 8.63 25.37
N GLU B 188 -16.67 9.11 24.18
CA GLU B 188 -17.69 8.51 23.33
C GLU B 188 -17.23 7.22 22.65
N GLY B 189 -18.19 6.42 22.22
CA GLY B 189 -17.92 5.15 21.58
C GLY B 189 -17.57 5.35 20.12
N LEU B 190 -17.69 4.28 19.34
CA LEU B 190 -17.38 4.33 17.92
C LEU B 190 -18.32 5.26 17.17
N THR B 191 -17.79 5.90 16.12
CA THR B 191 -18.61 6.62 15.16
C THR B 191 -19.23 5.63 14.19
N GLU B 192 -20.09 6.12 13.30
CA GLU B 192 -20.63 5.26 12.26
C GLU B 192 -19.50 4.64 11.42
N ALA B 193 -18.50 5.45 11.09
CA ALA B 193 -17.35 4.94 10.34
C ALA B 193 -16.66 3.83 11.13
N GLY B 194 -16.61 3.97 12.45
CA GLY B 194 -16.02 2.99 13.33
C GLY B 194 -16.76 1.66 13.31
N ARG B 195 -18.09 1.73 13.25
CA ARG B 195 -18.88 0.50 13.16
C ARG B 195 -18.65 -0.19 11.82
N ARG B 196 -18.56 0.60 10.75
CA ARG B 196 -18.22 0.05 9.45
C ARG B 196 -16.83 -0.58 9.43
N LEU B 197 -15.88 0.05 10.12
CA LEU B 197 -14.53 -0.49 10.22
C LEU B 197 -14.52 -1.86 10.90
N VAL B 198 -15.26 -1.99 12.01
CA VAL B 198 -15.37 -3.28 12.67
C VAL B 198 -15.91 -4.35 11.72
N ALA B 199 -16.99 -4.02 11.02
CA ALA B 199 -17.62 -4.97 10.11
C ALA B 199 -16.66 -5.37 8.98
N GLU B 200 -15.91 -4.42 8.45
CA GLU B 200 -15.01 -4.72 7.34
C GLU B 200 -13.79 -5.51 7.82
N CYS B 201 -13.29 -5.17 9.00
CA CYS B 201 -12.19 -5.95 9.57
C CYS B 201 -12.62 -7.41 9.80
N ASN B 202 -13.84 -7.60 10.30
CA ASN B 202 -14.36 -8.95 10.47
C ASN B 202 -14.42 -9.69 9.13
N ARG B 203 -14.86 -8.99 8.09
CA ARG B 203 -15.00 -9.59 6.77
C ARG B 203 -13.64 -9.98 6.20
N LEU B 204 -12.67 -9.10 6.37
CA LEU B 204 -11.33 -9.33 5.83
C LEU B 204 -10.51 -10.22 6.75
N LYS B 205 -11.07 -10.53 7.92
CA LYS B 205 -10.37 -11.29 8.95
C LYS B 205 -9.09 -10.58 9.42
N ILE B 206 -9.20 -9.27 9.59
CA ILE B 206 -8.16 -8.48 10.23
C ILE B 206 -8.47 -8.43 11.73
N MET B 207 -7.50 -8.80 12.56
CA MET B 207 -7.69 -8.79 14.01
C MET B 207 -7.92 -7.36 14.48
N LEU B 208 -8.95 -7.15 15.29
CA LEU B 208 -9.15 -5.87 15.96
C LEU B 208 -8.46 -5.85 17.32
N ASP B 209 -7.73 -4.77 17.59
CA ASP B 209 -7.01 -4.59 18.84
C ASP B 209 -7.68 -3.49 19.66
N LEU B 210 -8.10 -3.84 20.88
CA LEU B 210 -8.84 -2.91 21.73
C LEU B 210 -7.94 -2.07 22.62
N SER B 211 -6.64 -2.38 22.67
CA SER B 211 -5.73 -1.57 23.46
C SER B 211 -5.80 -0.12 22.98
N HIS B 212 -5.96 0.79 23.93
CA HIS B 212 -6.16 2.25 23.73
C HIS B 212 -7.62 2.68 23.58
N LEU B 213 -8.47 1.77 23.12
CA LEU B 213 -9.87 2.13 22.91
C LEU B 213 -10.51 2.40 24.26
N ASN B 214 -11.35 3.42 24.34
CA ASN B 214 -12.04 3.70 25.60
C ASN B 214 -13.15 2.70 25.87
N GLU B 215 -13.77 2.79 27.04
CA GLU B 215 -14.74 1.78 27.45
C GLU B 215 -15.99 1.72 26.58
N LYS B 216 -16.53 2.87 26.19
CA LYS B 216 -17.69 2.87 25.31
C LYS B 216 -17.37 2.26 23.95
N GLY B 217 -16.20 2.59 23.41
CA GLY B 217 -15.76 1.99 22.15
C GLY B 217 -15.56 0.49 22.30
N PHE B 218 -14.95 0.10 23.42
CA PHE B 218 -14.79 -1.32 23.74
C PHE B 218 -16.14 -2.04 23.74
N ASP B 219 -17.14 -1.44 24.39
CA ASP B 219 -18.48 -2.04 24.43
C ASP B 219 -19.07 -2.18 23.02
N ASP B 220 -18.82 -1.20 22.16
CA ASP B 220 -19.30 -1.25 20.78
C ASP B 220 -18.67 -2.42 20.02
N VAL B 221 -17.36 -2.59 20.15
CA VAL B 221 -16.71 -3.71 19.49
C VAL B 221 -17.21 -5.05 20.04
N ALA B 222 -17.40 -5.13 21.36
CA ALA B 222 -17.90 -6.37 21.95
C ALA B 222 -19.27 -6.76 21.40
N ARG B 223 -20.09 -5.74 21.12
CA ARG B 223 -21.44 -5.97 20.61
C ARG B 223 -21.44 -6.29 19.12
N LEU B 224 -20.49 -5.72 18.38
CA LEU B 224 -20.53 -5.76 16.92
C LEU B 224 -19.61 -6.78 16.27
N SER B 225 -18.48 -7.07 16.91
CA SER B 225 -17.51 -7.97 16.30
C SER B 225 -17.94 -9.44 16.38
N ASP B 226 -17.71 -10.17 15.29
CA ASP B 226 -17.96 -11.60 15.26
C ASP B 226 -16.74 -12.44 15.59
N ALA B 227 -15.68 -11.77 16.06
CA ALA B 227 -14.40 -12.42 16.30
C ALA B 227 -13.96 -12.23 17.74
N PRO B 228 -13.02 -13.06 18.21
CA PRO B 228 -12.54 -12.92 19.58
C PRO B 228 -12.05 -11.50 19.88
N LEU B 229 -12.35 -11.02 21.07
CA LEU B 229 -11.89 -9.71 21.53
C LEU B 229 -10.45 -9.79 22.00
N VAL B 230 -9.63 -8.84 21.54
CA VAL B 230 -8.21 -8.86 21.83
C VAL B 230 -7.74 -7.49 22.30
N ALA B 231 -6.95 -7.48 23.36
CA ALA B 231 -6.18 -6.29 23.75
C ALA B 231 -4.73 -6.73 23.75
N THR B 232 -3.94 -6.25 22.79
CA THR B 232 -2.59 -6.77 22.63
C THR B 232 -1.62 -6.34 23.72
N HIS B 233 -1.88 -5.21 24.36
CA HIS B 233 -0.97 -4.71 25.38
C HIS B 233 -1.68 -3.90 26.46
N SER B 234 -2.38 -4.62 27.33
CA SER B 234 -3.19 -4.01 28.39
C SER B 234 -3.16 -4.89 29.61
N ASN B 235 -3.15 -4.27 30.79
CA ASN B 235 -3.11 -5.03 32.05
C ASN B 235 -4.40 -4.95 32.86
N ALA B 236 -4.34 -5.34 34.14
CA ALA B 236 -5.55 -5.44 34.96
C ALA B 236 -5.82 -4.15 35.74
N HIS B 237 -6.97 -3.53 35.46
CA HIS B 237 -7.36 -2.28 36.10
C HIS B 237 -7.56 -2.49 37.61
N ALA B 238 -8.00 -3.69 37.98
CA ALA B 238 -8.21 -4.02 39.38
C ALA B 238 -6.92 -3.96 40.17
N VAL B 239 -5.81 -4.18 39.48
CA VAL B 239 -4.49 -4.11 40.10
C VAL B 239 -3.90 -2.71 39.98
N THR B 240 -3.89 -2.19 38.76
CA THR B 240 -3.40 -0.83 38.49
C THR B 240 -4.48 -0.03 37.77
N PRO B 241 -5.10 0.92 38.47
CA PRO B 241 -6.23 1.67 37.88
C PRO B 241 -5.80 2.76 36.89
N SER B 242 -5.01 2.36 35.91
CA SER B 242 -4.70 3.22 34.76
C SER B 242 -5.83 3.16 33.75
N THR B 243 -6.09 4.28 33.08
CA THR B 243 -7.11 4.34 32.04
C THR B 243 -6.82 3.34 30.90
N ARG B 244 -5.58 2.89 30.81
CA ARG B 244 -5.16 1.99 29.74
C ARG B 244 -5.42 0.52 30.04
N ASN B 245 -5.76 0.21 31.29
CA ASN B 245 -5.98 -1.17 31.71
C ASN B 245 -7.43 -1.61 31.62
N LEU B 246 -7.68 -2.90 31.88
CA LEU B 246 -8.98 -3.51 31.62
C LEU B 246 -9.69 -3.84 32.92
N THR B 247 -10.95 -3.44 33.04
CA THR B 247 -11.71 -3.78 34.24
C THR B 247 -12.10 -5.26 34.23
N ASP B 248 -12.49 -5.78 35.39
CA ASP B 248 -12.92 -7.17 35.44
C ASP B 248 -14.12 -7.40 34.53
N ARG B 249 -14.96 -6.39 34.38
CA ARG B 249 -16.11 -6.51 33.48
C ARG B 249 -15.62 -6.67 32.04
N GLN B 250 -14.62 -5.88 31.67
CA GLN B 250 -14.05 -6.00 30.33
C GLN B 250 -13.39 -7.36 30.15
N LEU B 251 -12.66 -7.81 31.18
CA LEU B 251 -12.04 -9.13 31.11
C LEU B 251 -13.06 -10.26 30.89
N ALA B 252 -14.21 -10.18 31.56
CA ALA B 252 -15.22 -11.20 31.43
C ALA B 252 -15.76 -11.25 30.01
N MET B 253 -15.90 -10.08 29.40
CA MET B 253 -16.37 -10.01 28.03
C MET B 253 -15.34 -10.61 27.06
N ILE B 254 -14.07 -10.32 27.31
CA ILE B 254 -13.01 -10.91 26.51
C ILE B 254 -13.01 -12.44 26.68
N ARG B 255 -13.14 -12.92 27.92
CA ARG B 255 -13.20 -14.36 28.14
C ARG B 255 -14.35 -15.02 27.38
N GLU B 256 -15.54 -14.43 27.44
CA GLU B 256 -16.71 -15.00 26.79
C GLU B 256 -16.46 -15.17 25.30
N SER B 257 -15.70 -14.24 24.72
CA SER B 257 -15.46 -14.25 23.28
C SER B 257 -14.31 -15.17 22.87
N ARG B 258 -13.72 -15.85 23.86
CA ARG B 258 -12.50 -16.64 23.63
C ARG B 258 -11.38 -15.77 23.07
N GLY B 259 -11.18 -14.61 23.71
CA GLY B 259 -10.20 -13.64 23.26
C GLY B 259 -8.79 -13.79 23.83
N MET B 260 -8.12 -12.66 24.00
CA MET B 260 -6.70 -12.68 24.33
C MET B 260 -6.30 -11.32 24.89
N VAL B 261 -5.46 -11.34 25.92
CA VAL B 261 -4.84 -10.14 26.47
C VAL B 261 -3.35 -10.37 26.59
N GLY B 262 -2.58 -9.42 26.05
CA GLY B 262 -1.14 -9.44 26.19
C GLY B 262 -0.69 -8.51 27.31
N LEU B 263 0.09 -9.07 28.23
CA LEU B 263 0.63 -8.31 29.35
C LEU B 263 1.58 -7.24 28.85
N ASN B 264 1.28 -5.98 29.16
CA ASN B 264 2.10 -4.84 28.79
C ASN B 264 3.21 -4.64 29.82
N PHE B 265 4.46 -4.53 29.37
CA PHE B 265 5.58 -4.35 30.31
C PHE B 265 5.75 -2.90 30.76
N ALA B 266 4.92 -1.99 30.25
CA ALA B 266 5.03 -0.58 30.64
C ALA B 266 4.91 -0.47 32.16
N THR B 267 5.91 0.15 32.78
CA THR B 267 5.93 0.33 34.23
C THR B 267 4.62 0.98 34.72
N SER B 268 4.17 1.98 33.97
CA SER B 268 2.97 2.75 34.32
C SER B 268 1.71 1.91 34.44
N PHE B 269 1.69 0.76 33.78
CA PHE B 269 0.48 -0.07 33.73
C PHE B 269 0.62 -1.30 34.61
N LEU B 270 1.79 -1.48 35.22
CA LEU B 270 2.09 -2.63 36.07
C LEU B 270 2.14 -2.27 37.54
N ARG B 271 2.81 -1.15 37.85
CA ARG B 271 3.00 -0.74 39.24
C ARG B 271 1.66 -0.39 39.88
N GLU B 272 1.45 -0.79 41.14
CA GLU B 272 0.19 -0.45 41.78
C GLU B 272 0.04 1.07 41.94
N ASP B 273 1.18 1.76 41.99
CA ASP B 273 1.17 3.22 42.14
C ASP B 273 1.13 3.98 40.82
N GLY B 274 1.09 3.24 39.71
CA GLY B 274 0.94 3.84 38.40
C GLY B 274 2.06 4.77 37.97
N ARG B 275 3.20 4.69 38.67
CA ARG B 275 4.35 5.51 38.33
C ARG B 275 5.13 4.93 37.14
N ARG B 276 6.03 5.74 36.59
CA ARG B 276 6.79 5.36 35.40
C ARG B 276 8.16 4.73 35.71
N SER B 277 8.65 4.93 36.92
CA SER B 277 9.97 4.43 37.31
C SER B 277 10.19 2.93 37.06
N ALA B 278 11.31 2.60 36.43
CA ALA B 278 11.71 1.22 36.20
C ALA B 278 12.24 0.53 37.46
N GLU B 279 12.39 1.31 38.54
CA GLU B 279 12.91 0.77 39.80
C GLU B 279 11.82 0.01 40.52
N MET B 280 11.71 -1.26 40.18
CA MET B 280 10.64 -2.11 40.69
C MET B 280 11.10 -3.56 40.58
N GLY B 281 10.37 -4.46 41.23
CA GLY B 281 10.69 -5.86 41.16
C GLY B 281 9.66 -6.63 40.36
N TRP B 282 9.64 -7.94 40.54
CA TRP B 282 8.72 -8.79 39.78
C TRP B 282 7.31 -8.84 40.36
N GLU B 283 7.14 -8.51 41.63
CA GLU B 283 5.83 -8.70 42.26
C GLU B 283 4.65 -8.11 41.48
N PRO B 284 4.77 -6.85 41.01
CA PRO B 284 3.62 -6.30 40.27
C PRO B 284 3.34 -7.04 38.97
N VAL B 285 4.39 -7.53 38.32
CA VAL B 285 4.22 -8.28 37.07
C VAL B 285 3.43 -9.54 37.35
N LEU B 286 3.80 -10.22 38.44
CA LEU B 286 3.18 -11.47 38.81
C LEU B 286 1.76 -11.25 39.34
N ARG B 287 1.52 -10.10 39.96
CA ARG B 287 0.18 -9.78 40.42
C ARG B 287 -0.76 -9.59 39.24
N HIS B 288 -0.32 -8.86 38.22
CA HIS B 288 -1.12 -8.71 37.00
C HIS B 288 -1.35 -10.04 36.28
N LEU B 289 -0.30 -10.82 36.14
CA LEU B 289 -0.43 -12.11 35.46
C LEU B 289 -1.40 -13.00 36.20
N ASP B 290 -1.25 -13.09 37.52
CA ASP B 290 -2.15 -13.90 38.31
C ASP B 290 -3.58 -13.47 38.10
N HIS B 291 -3.84 -12.16 38.15
CA HIS B 291 -5.20 -11.66 38.04
C HIS B 291 -5.77 -11.95 36.66
N LEU B 292 -4.99 -11.67 35.62
CA LEU B 292 -5.41 -11.95 34.26
C LEU B 292 -5.69 -13.44 34.02
N ILE B 293 -4.76 -14.30 34.42
CA ILE B 293 -4.92 -15.74 34.25
C ILE B 293 -6.13 -16.26 35.03
N ASP B 294 -6.30 -15.79 36.26
CA ASP B 294 -7.43 -16.19 37.08
C ASP B 294 -8.77 -15.89 36.39
N ARG B 295 -8.92 -14.67 35.87
CA ARG B 295 -10.22 -14.26 35.33
C ARG B 295 -10.42 -14.58 33.85
N LEU B 296 -9.34 -14.52 33.06
CA LEU B 296 -9.46 -14.82 31.64
C LEU B 296 -9.38 -16.30 31.31
N GLY B 297 -8.63 -17.02 32.12
CA GLY B 297 -8.32 -18.41 31.84
C GLY B 297 -6.92 -18.57 31.29
N GLU B 298 -6.33 -19.73 31.55
CA GLU B 298 -4.95 -20.03 31.16
C GLU B 298 -4.70 -19.95 29.66
N ASP B 299 -5.77 -20.03 28.86
CA ASP B 299 -5.62 -20.02 27.40
C ASP B 299 -5.75 -18.64 26.78
N HIS B 300 -5.96 -17.61 27.61
CA HIS B 300 -6.33 -16.31 27.07
C HIS B 300 -5.43 -15.16 27.49
N VAL B 301 -4.21 -15.49 27.93
CA VAL B 301 -3.23 -14.51 28.36
C VAL B 301 -1.89 -14.77 27.71
N GLY B 302 -1.21 -13.71 27.28
CA GLY B 302 0.12 -13.85 26.72
C GLY B 302 0.92 -12.60 27.03
N MET B 303 2.00 -12.41 26.29
CA MET B 303 2.84 -11.23 26.44
C MET B 303 2.44 -10.17 25.42
N GLY B 304 2.51 -8.91 25.82
CA GLY B 304 2.27 -7.78 24.94
C GLY B 304 3.23 -6.67 25.34
N SER B 305 4.52 -6.92 25.11
CA SER B 305 5.62 -6.23 25.76
C SER B 305 5.56 -4.72 25.73
N ASP B 306 5.21 -4.17 24.57
CA ASP B 306 5.41 -2.75 24.31
C ASP B 306 6.90 -2.44 24.22
N PHE B 307 7.72 -3.43 23.85
CA PHE B 307 9.14 -3.16 23.62
C PHE B 307 9.30 -1.98 22.66
N ASP B 308 10.21 -1.07 23.02
CA ASP B 308 10.54 0.13 22.24
C ASP B 308 9.41 1.15 22.18
N GLY B 309 8.37 0.93 22.99
CA GLY B 309 7.25 1.85 23.05
C GLY B 309 7.06 2.45 24.43
N ALA B 310 7.67 1.83 25.45
CA ALA B 310 7.48 2.29 26.81
C ALA B 310 8.69 1.97 27.67
N THR B 311 8.78 2.63 28.82
CA THR B 311 9.74 2.25 29.84
C THR B 311 9.27 0.96 30.52
N ILE B 312 10.16 0.00 30.66
CA ILE B 312 9.78 -1.30 31.23
C ILE B 312 10.58 -1.59 32.52
N PRO B 313 10.24 -2.67 33.25
CA PRO B 313 10.90 -2.88 34.55
C PRO B 313 12.39 -3.15 34.39
N GLN B 314 13.19 -2.69 35.33
CA GLN B 314 14.64 -2.84 35.23
C GLN B 314 15.07 -4.30 35.13
N GLY B 315 14.27 -5.18 35.71
CA GLY B 315 14.55 -6.62 35.69
C GLY B 315 14.40 -7.24 34.32
N ILE B 316 13.63 -6.60 33.46
CA ILE B 316 13.55 -7.02 32.05
C ILE B 316 14.55 -6.22 31.22
N ALA B 317 14.40 -4.89 31.26
CA ALA B 317 15.32 -3.92 30.63
C ALA B 317 15.29 -3.86 29.11
N ASP B 318 15.26 -5.02 28.46
CA ASP B 318 15.16 -5.11 27.01
C ASP B 318 14.81 -6.55 26.64
N VAL B 319 14.85 -6.89 25.36
CA VAL B 319 14.40 -8.21 24.96
C VAL B 319 15.26 -9.33 25.56
N THR B 320 16.51 -9.03 25.93
CA THR B 320 17.37 -10.05 26.52
C THR B 320 16.97 -10.40 27.94
N GLY B 321 16.01 -9.65 28.49
CA GLY B 321 15.48 -9.93 29.81
C GLY B 321 14.34 -10.94 29.83
N LEU B 322 13.91 -11.41 28.67
CA LEU B 322 12.81 -12.39 28.65
C LEU B 322 13.12 -13.65 29.48
N PRO B 323 14.36 -14.17 29.40
CA PRO B 323 14.66 -15.34 30.26
C PRO B 323 14.50 -15.04 31.75
N ALA B 324 14.92 -13.85 32.19
CA ALA B 324 14.79 -13.50 33.60
C ALA B 324 13.32 -13.41 34.02
N LEU B 325 12.50 -12.84 33.14
CA LEU B 325 11.07 -12.77 33.38
C LEU B 325 10.50 -14.18 33.55
N GLN B 326 10.87 -15.08 32.65
CA GLN B 326 10.41 -16.46 32.72
C GLN B 326 10.85 -17.16 34.01
N ALA B 327 12.07 -16.88 34.46
CA ALA B 327 12.55 -17.51 35.69
C ALA B 327 11.73 -17.04 36.90
N ALA B 328 11.38 -15.75 36.91
CA ALA B 328 10.52 -15.21 37.96
C ALA B 328 9.14 -15.88 37.92
N MET B 329 8.60 -16.04 36.72
CA MET B 329 7.32 -16.72 36.53
C MET B 329 7.37 -18.17 37.05
N ARG B 330 8.44 -18.88 36.72
CA ARG B 330 8.59 -20.26 37.19
C ARG B 330 8.69 -20.33 38.71
N ALA B 331 9.47 -19.41 39.29
CA ALA B 331 9.67 -19.40 40.74
C ALA B 331 8.37 -19.04 41.47
N HIS B 332 7.46 -18.39 40.74
CA HIS B 332 6.16 -18.01 41.27
C HIS B 332 5.20 -19.19 41.25
N GLY B 333 5.59 -20.25 40.55
CA GLY B 333 4.83 -21.49 40.55
C GLY B 333 4.15 -21.88 39.25
N TYR B 334 4.39 -21.15 38.17
CA TYR B 334 3.78 -21.51 36.89
C TYR B 334 4.48 -22.73 36.29
N ASP B 335 3.72 -23.77 35.98
CA ASP B 335 4.33 -24.98 35.45
C ASP B 335 4.59 -24.88 33.95
N GLU B 336 5.26 -25.88 33.41
CA GLU B 336 5.75 -25.80 32.03
C GLU B 336 4.65 -25.67 30.98
N PRO B 337 3.57 -26.47 31.08
CA PRO B 337 2.50 -26.30 30.11
C PRO B 337 1.91 -24.88 30.13
N LEU B 338 1.76 -24.31 31.32
CA LEU B 338 1.25 -22.95 31.44
C LEU B 338 2.24 -21.97 30.85
N MET B 339 3.54 -22.18 31.11
CA MET B 339 4.55 -21.32 30.54
C MET B 339 4.50 -21.32 29.01
N ARG B 340 4.33 -22.48 28.39
CA ARG B 340 4.23 -22.52 26.93
C ARG B 340 3.02 -21.74 26.42
N LYS B 341 1.90 -21.83 27.13
CA LYS B 341 0.70 -21.10 26.74
C LYS B 341 0.97 -19.59 26.82
N LEU B 342 1.52 -19.15 27.94
CA LEU B 342 1.76 -17.72 28.16
C LEU B 342 2.84 -17.17 27.24
N CYS B 343 3.80 -18.00 26.86
CA CYS B 343 4.91 -17.53 26.05
C CYS B 343 4.60 -17.46 24.56
N HIS B 344 3.85 -18.44 24.04
CA HIS B 344 3.50 -18.38 22.62
C HIS B 344 2.25 -19.11 22.19
N GLU B 345 1.89 -20.21 22.86
CA GLU B 345 0.79 -21.02 22.34
C GLU B 345 -0.54 -20.27 22.30
N ASN B 346 -0.78 -19.45 23.31
CA ASN B 346 -2.05 -18.72 23.35
C ASN B 346 -2.20 -17.75 22.17
N TRP B 347 -1.15 -17.02 21.83
CA TRP B 347 -1.22 -16.16 20.64
C TRP B 347 -1.48 -16.98 19.38
N TYR B 348 -0.77 -18.09 19.22
CA TYR B 348 -0.98 -18.89 18.01
C TYR B 348 -2.43 -19.38 17.88
N GLY B 349 -3.00 -19.83 19.00
CA GLY B 349 -4.39 -20.23 19.02
C GLY B 349 -5.32 -19.09 18.67
N LEU B 350 -5.07 -17.93 19.26
CA LEU B 350 -5.87 -16.75 18.98
C LEU B 350 -5.83 -16.39 17.48
N LEU B 351 -4.64 -16.44 16.88
CA LEU B 351 -4.53 -16.14 15.46
C LEU B 351 -5.41 -17.09 14.65
N GLU B 352 -5.37 -18.37 15.00
CA GLU B 352 -6.18 -19.35 14.30
C GLU B 352 -7.68 -19.10 14.45
N ARG B 353 -8.11 -18.72 15.64
CA ARG B 353 -9.51 -18.38 15.88
C ARG B 353 -9.95 -17.10 15.16
N THR B 354 -8.99 -16.25 14.81
CA THR B 354 -9.30 -14.95 14.22
C THR B 354 -9.19 -14.94 12.70
N TRP B 355 -8.08 -15.45 12.20
CA TRP B 355 -7.80 -15.44 10.77
C TRP B 355 -8.46 -16.64 10.09
N GLY B 356 -8.87 -17.63 10.88
CA GLY B 356 -9.56 -18.80 10.36
C GLY B 356 -8.62 -19.94 10.04
P LY0 C . -1.78 11.45 -20.06
C1 LY0 C . -2.62 13.41 -18.25
N1 LY0 C . -2.53 11.04 -17.51
C2 LY0 C . -2.78 11.95 -18.62
C4 LY0 C . -2.35 12.31 -21.57
C5 LY0 C . -1.29 12.95 -22.40
C6 LY0 C . -0.10 12.05 -22.64
C7 LY0 C . -1.79 13.66 -23.63
O31 LY0 C . -1.93 9.96 -20.15
O32 LY0 C . -0.27 11.78 -19.76
O61 LY0 C . 1.05 12.58 -23.12
O62 LY0 C . -0.15 10.83 -22.38
ZN ZN D . -2.41 8.85 -18.30
ZN ZN E . 0.40 9.78 -20.48
P LY0 F . 2.55 2.83 22.83
C1 LY0 F . 3.67 5.22 21.88
N1 LY0 F . 3.27 3.33 20.32
C2 LY0 F . 3.63 3.73 21.68
C4 LY0 F . 3.15 2.99 24.55
C5 LY0 F . 2.13 3.34 25.59
C6 LY0 F . 0.86 2.53 25.55
C7 LY0 F . 2.69 3.49 26.99
O31 LY0 F . 2.49 1.37 22.41
O32 LY0 F . 1.10 3.44 22.73
O61 LY0 F . -0.24 3.03 26.19
O62 LY0 F . 0.74 1.51 24.86
ZN ZN G . 2.92 1.02 20.22
ZN ZN H . 0.17 1.38 22.66
#